data_3W9B
#
_entry.id   3W9B
#
_cell.length_a   123.659
_cell.length_b   123.659
_cell.length_c   191.852
_cell.angle_alpha   90.00
_cell.angle_beta   90.00
_cell.angle_gamma   120.00
#
_symmetry.space_group_name_H-M   'P 65'
#
loop_
_entity.id
_entity.type
_entity.pdbx_description
1 polymer 'Lipase B'
2 non-polymer 3,6,9,12,15,18,21-HEPTAOXATRICOSANE-1,23-DIOL
3 water water
#
_entity_poly.entity_id   1
_entity_poly.type   'polypeptide(L)'
_entity_poly.pdbx_seq_one_letter_code
;MADDDDDLPSGSDPAFSQPKSVLDAGLTCQGASPSSVSKPILLVPGTGTTGPQSFDSNWIPLSTQLGYTPCWISPPPFML
NDTQVNTEYMVNAITALYAGSGNNKLPVLTWSQGGLVAQWGLTFFPSIRSKVDRLMAFAPDYKGTVLAGPLDALAVSAPS
VWQQTTGSALTTALRNAGGLTQIVPTTNLYSATDEIVQPQVSNSPLDSSYLFNGKNVQAQAVCGPLFVIDHAGSLTSQFS
YVVGRSALRSTTGQARSADYGITDCNPLPANDLTPEQKVAAAALLAPAAAAIVAGPKQNCEPDLMPYARPFAVGKRTCSG
IVTPIEGR
;
_entity_poly.pdbx_strand_id   A,B,C,D
#
# COMPACT_ATOMS: atom_id res chain seq x y z
N LEU A 8 -31.07 17.87 13.93
CA LEU A 8 -30.51 17.93 12.54
C LEU A 8 -30.11 19.38 12.17
N PRO A 9 -29.00 19.54 11.40
CA PRO A 9 -28.55 20.90 10.97
C PRO A 9 -29.55 21.64 10.08
N SER A 10 -29.28 22.93 9.82
CA SER A 10 -30.19 23.75 9.00
C SER A 10 -29.46 24.87 8.24
N GLY A 11 -30.25 25.76 7.64
CA GLY A 11 -29.73 26.86 6.83
C GLY A 11 -29.62 26.48 5.37
N SER A 12 -28.79 27.24 4.62
CA SER A 12 -28.54 26.97 3.20
C SER A 12 -27.90 25.59 3.02
N ASP A 13 -28.01 25.07 1.81
CA ASP A 13 -27.32 23.84 1.46
C ASP A 13 -25.84 24.16 1.24
N PRO A 14 -24.94 23.36 1.83
CA PRO A 14 -23.51 23.58 1.55
C PRO A 14 -23.19 23.40 0.07
N ALA A 15 -22.17 24.12 -0.40
CA ALA A 15 -21.77 24.08 -1.80
C ALA A 15 -21.28 22.70 -2.18
N PHE A 16 -21.61 22.25 -3.38
CA PHE A 16 -21.02 21.03 -3.93
C PHE A 16 -19.56 21.25 -4.28
N SER A 17 -18.75 20.22 -4.15
CA SER A 17 -17.35 20.29 -4.58
C SER A 17 -17.22 19.98 -6.06
N GLN A 18 -18.28 19.42 -6.65
CA GLN A 18 -18.31 19.09 -8.08
C GLN A 18 -19.17 20.11 -8.80
N PRO A 19 -18.90 20.33 -10.10
CA PRO A 19 -19.84 21.09 -10.93
C PRO A 19 -21.15 20.32 -11.17
N LYS A 20 -22.24 21.05 -11.40
CA LYS A 20 -23.56 20.44 -11.62
C LYS A 20 -23.53 19.45 -12.78
N SER A 21 -22.91 19.86 -13.88
CA SER A 21 -22.78 19.02 -15.08
C SER A 21 -22.11 17.68 -14.81
N VAL A 22 -21.12 17.68 -13.91
CA VAL A 22 -20.44 16.45 -13.50
C VAL A 22 -21.39 15.60 -12.66
N LEU A 23 -22.22 16.26 -11.86
CA LEU A 23 -23.20 15.58 -11.03
C LEU A 23 -24.38 15.09 -11.86
N ASP A 24 -24.70 15.85 -12.91
CA ASP A 24 -25.76 15.48 -13.83
C ASP A 24 -25.40 14.20 -14.58
N ALA A 25 -24.15 14.12 -15.01
CA ALA A 25 -23.68 12.99 -15.84
C ALA A 25 -23.69 11.66 -15.08
N GLY A 26 -23.81 11.73 -13.76
CA GLY A 26 -23.89 10.53 -12.93
C GLY A 26 -25.30 10.01 -12.76
N LEU A 27 -26.28 10.77 -13.24
CA LEU A 27 -27.70 10.47 -13.09
C LEU A 27 -28.33 10.01 -14.41
N THR A 28 -28.99 8.86 -14.38
CA THR A 28 -29.66 8.32 -15.55
C THR A 28 -31.02 7.69 -15.19
N CYS A 29 -32.04 8.01 -15.99
CA CYS A 29 -33.37 7.40 -15.88
C CYS A 29 -33.61 6.43 -17.05
N GLN A 30 -34.27 5.31 -16.77
CA GLN A 30 -34.55 4.32 -17.80
C GLN A 30 -35.90 4.58 -18.46
N GLY A 31 -35.87 5.29 -19.58
CA GLY A 31 -37.06 5.57 -20.35
C GLY A 31 -37.29 7.06 -20.58
N ALA A 32 -36.62 7.90 -19.79
CA ALA A 32 -36.84 9.32 -19.87
C ALA A 32 -35.57 10.09 -19.57
N SER A 33 -35.65 11.40 -19.76
CA SER A 33 -34.64 12.33 -19.30
C SER A 33 -34.92 12.63 -17.83
N PRO A 34 -33.86 12.67 -16.99
CA PRO A 34 -34.01 13.02 -15.57
C PRO A 34 -34.88 14.27 -15.31
N SER A 35 -34.65 15.32 -16.11
CA SER A 35 -35.36 16.59 -15.92
C SER A 35 -36.63 16.67 -16.77
N SER A 36 -37.18 15.51 -17.14
CA SER A 36 -38.42 15.44 -17.90
C SER A 36 -38.99 14.02 -17.81
N VAL A 37 -39.38 13.64 -16.60
CA VAL A 37 -39.78 12.26 -16.27
C VAL A 37 -41.06 12.31 -15.44
N SER A 38 -41.74 11.17 -15.30
CA SER A 38 -42.83 11.06 -14.30
C SER A 38 -42.79 9.71 -13.56
N LYS A 39 -43.28 9.74 -12.32
CA LYS A 39 -43.14 8.63 -11.36
C LYS A 39 -41.71 8.06 -11.23
N PRO A 40 -40.73 8.93 -10.90
CA PRO A 40 -39.34 8.49 -10.83
C PRO A 40 -38.93 8.00 -9.46
N ILE A 41 -38.30 6.83 -9.41
CA ILE A 41 -37.66 6.32 -8.20
C ILE A 41 -36.14 6.47 -8.35
N LEU A 42 -35.47 6.81 -7.25
CA LEU A 42 -34.02 7.02 -7.26
C LEU A 42 -33.29 5.86 -6.59
N LEU A 43 -32.36 5.27 -7.33
CA LEU A 43 -31.60 4.10 -6.87
C LEU A 43 -30.13 4.47 -6.59
N VAL A 44 -29.69 4.24 -5.35
CA VAL A 44 -28.32 4.55 -4.95
C VAL A 44 -27.54 3.25 -4.70
N PRO A 45 -26.48 3.01 -5.51
CA PRO A 45 -25.84 1.70 -5.52
C PRO A 45 -24.87 1.50 -4.37
N GLY A 46 -24.36 0.27 -4.26
CA GLY A 46 -23.49 -0.12 -3.17
C GLY A 46 -22.02 0.15 -3.46
N THR A 47 -21.18 -0.12 -2.47
CA THR A 47 -19.75 0.07 -2.58
C THR A 47 -19.22 -0.88 -3.63
N GLY A 48 -18.48 -0.32 -4.61
CA GLY A 48 -17.83 -1.11 -5.65
C GLY A 48 -18.71 -1.39 -6.84
N THR A 49 -19.77 -0.59 -7.01
CA THR A 49 -20.73 -0.79 -8.10
C THR A 49 -21.18 0.52 -8.74
N THR A 50 -21.58 0.45 -10.01
CA THR A 50 -22.34 1.50 -10.63
C THR A 50 -23.82 1.23 -10.32
N GLY A 51 -24.69 2.21 -10.59
CA GLY A 51 -26.14 2.02 -10.50
C GLY A 51 -26.63 0.73 -11.14
N PRO A 52 -26.38 0.55 -12.47
CA PRO A 52 -26.81 -0.66 -13.18
C PRO A 52 -26.22 -1.96 -12.61
N GLN A 53 -24.92 -1.94 -12.31
CA GLN A 53 -24.21 -3.10 -11.77
C GLN A 53 -24.84 -3.60 -10.46
N SER A 54 -25.42 -2.66 -9.71
CA SER A 54 -26.00 -2.95 -8.42
C SER A 54 -27.48 -3.34 -8.53
N PHE A 55 -28.17 -2.80 -9.53
CA PHE A 55 -29.63 -2.85 -9.56
C PHE A 55 -30.27 -3.45 -10.81
N ASP A 56 -29.55 -3.54 -11.93
CA ASP A 56 -30.16 -4.03 -13.16
C ASP A 56 -30.63 -5.49 -13.09
N SER A 57 -30.10 -6.25 -12.13
CA SER A 57 -30.54 -7.62 -11.94
C SER A 57 -31.63 -7.74 -10.88
N ASN A 58 -32.02 -6.62 -10.29
CA ASN A 58 -33.05 -6.60 -9.25
C ASN A 58 -34.04 -5.43 -9.33
N TRP A 59 -33.65 -4.25 -8.84
CA TRP A 59 -34.61 -3.17 -8.63
C TRP A 59 -34.87 -2.25 -9.79
N ILE A 60 -34.04 -2.34 -10.84
CA ILE A 60 -34.30 -1.62 -12.08
C ILE A 60 -35.53 -2.19 -12.79
N PRO A 61 -35.59 -3.53 -12.96
CA PRO A 61 -36.83 -4.10 -13.51
C PRO A 61 -38.00 -4.07 -12.53
N LEU A 62 -37.75 -4.44 -11.27
CA LEU A 62 -38.82 -4.56 -10.27
C LEU A 62 -39.53 -3.25 -9.94
N SER A 63 -38.88 -2.12 -10.20
CA SER A 63 -39.46 -0.82 -9.93
C SER A 63 -40.43 -0.36 -11.03
N THR A 64 -40.26 -0.88 -12.24
CA THR A 64 -41.19 -0.58 -13.32
C THR A 64 -42.36 -1.54 -13.28
N GLN A 65 -42.11 -2.74 -12.73
CA GLN A 65 -43.19 -3.66 -12.37
C GLN A 65 -44.17 -3.04 -11.38
N LEU A 66 -43.82 -1.86 -10.86
CA LEU A 66 -44.68 -1.13 -9.93
C LEU A 66 -45.02 0.27 -10.45
N GLY A 67 -44.75 0.52 -11.72
CA GLY A 67 -45.16 1.78 -12.35
C GLY A 67 -44.17 2.93 -12.25
N TYR A 68 -42.96 2.68 -11.76
CA TYR A 68 -41.94 3.73 -11.64
C TYR A 68 -41.01 3.78 -12.84
N THR A 69 -40.56 4.98 -13.16
CA THR A 69 -39.41 5.13 -14.04
C THR A 69 -38.17 4.96 -13.15
N PRO A 70 -37.40 3.87 -13.36
CA PRO A 70 -36.21 3.74 -12.52
C PRO A 70 -35.11 4.73 -12.90
N CYS A 71 -34.58 5.43 -11.90
CA CYS A 71 -33.41 6.27 -12.08
C CYS A 71 -32.34 5.89 -11.07
N TRP A 72 -31.10 6.23 -11.38
CA TRP A 72 -29.98 5.86 -10.53
C TRP A 72 -28.87 6.84 -10.67
N ILE A 73 -28.02 6.90 -9.66
CA ILE A 73 -26.72 7.57 -9.77
C ILE A 73 -25.61 6.52 -9.86
N SER A 74 -24.48 6.92 -10.44
CA SER A 74 -23.30 6.08 -10.51
C SER A 74 -22.06 6.91 -10.22
N PRO A 75 -21.91 7.35 -8.95
CA PRO A 75 -20.77 8.19 -8.61
C PRO A 75 -19.47 7.44 -8.89
N PRO A 76 -18.55 8.05 -9.66
CA PRO A 76 -17.28 7.37 -9.90
C PRO A 76 -16.27 7.60 -8.77
N PRO A 77 -15.38 6.63 -8.51
CA PRO A 77 -15.34 5.39 -9.25
C PRO A 77 -15.97 4.23 -8.47
N PHE A 78 -17.06 3.67 -9.00
CA PHE A 78 -17.76 2.56 -8.36
C PHE A 78 -18.03 2.82 -6.88
N MET A 79 -18.47 4.03 -6.55
CA MET A 79 -18.77 4.39 -5.15
C MET A 79 -17.57 4.27 -4.20
N LEU A 80 -16.37 4.24 -4.74
CA LEU A 80 -15.18 4.06 -3.91
C LEU A 80 -14.61 5.38 -3.41
N ASN A 81 -14.89 6.45 -4.13
CA ASN A 81 -14.46 7.78 -3.72
C ASN A 81 -15.23 8.26 -2.49
N ASP A 82 -14.77 9.38 -1.93
CA ASP A 82 -15.41 10.06 -0.82
C ASP A 82 -16.94 9.93 -0.81
N THR A 83 -17.47 9.45 0.30
CA THR A 83 -18.92 9.32 0.49
C THR A 83 -19.61 10.70 0.43
N GLN A 84 -18.90 11.72 0.88
CA GLN A 84 -19.40 13.08 0.82
C GLN A 84 -19.63 13.52 -0.62
N VAL A 85 -18.75 13.09 -1.52
CA VAL A 85 -18.90 13.39 -2.93
C VAL A 85 -19.99 12.51 -3.51
N ASN A 86 -20.00 11.25 -3.11
CA ASN A 86 -21.05 10.34 -3.53
C ASN A 86 -22.43 10.91 -3.21
N THR A 87 -22.52 11.61 -2.07
CA THR A 87 -23.79 12.20 -1.65
C THR A 87 -24.18 13.36 -2.56
N GLU A 88 -23.21 14.12 -3.04
CA GLU A 88 -23.49 15.21 -3.96
C GLU A 88 -24.30 14.73 -5.17
N TYR A 89 -24.03 13.51 -5.62
CA TYR A 89 -24.76 12.92 -6.74
C TYR A 89 -26.20 12.66 -6.35
N MET A 90 -26.42 12.21 -5.12
CA MET A 90 -27.77 11.93 -4.64
C MET A 90 -28.58 13.22 -4.44
N VAL A 91 -27.96 14.21 -3.79
CA VAL A 91 -28.58 15.50 -3.56
C VAL A 91 -28.94 16.18 -4.87
N ASN A 92 -28.01 16.19 -5.82
CA ASN A 92 -28.25 16.82 -7.13
C ASN A 92 -29.29 16.04 -7.95
N ALA A 93 -29.36 14.74 -7.71
CA ALA A 93 -30.33 13.92 -8.40
C ALA A 93 -31.73 14.32 -7.96
N ILE A 94 -31.97 14.30 -6.65
CA ILE A 94 -33.27 14.65 -6.09
C ILE A 94 -33.72 16.07 -6.46
N THR A 95 -32.77 17.01 -6.50
CA THR A 95 -33.07 18.39 -6.93
C THR A 95 -33.40 18.47 -8.44
N ALA A 96 -32.72 17.63 -9.25
CA ALA A 96 -32.99 17.57 -10.68
C ALA A 96 -34.28 16.79 -10.98
N LEU A 97 -34.55 15.75 -10.17
CA LEU A 97 -35.71 14.88 -10.37
C LEU A 97 -37.03 15.49 -9.89
N TYR A 98 -36.93 16.37 -8.89
CA TYR A 98 -38.09 17.06 -8.33
C TYR A 98 -38.75 17.86 -9.44
N ALA A 99 -38.03 18.87 -9.94
CA ALA A 99 -38.52 19.74 -11.01
C ALA A 99 -38.81 18.98 -12.31
N GLY A 100 -38.01 17.94 -12.56
CA GLY A 100 -38.17 17.12 -13.76
C GLY A 100 -39.42 16.27 -13.75
N SER A 101 -39.99 16.05 -12.57
CA SER A 101 -41.24 15.29 -12.45
C SER A 101 -42.41 16.15 -11.93
N GLY A 102 -42.34 17.45 -12.18
CA GLY A 102 -43.38 18.40 -11.75
C GLY A 102 -43.41 18.60 -10.25
N ASN A 103 -42.31 19.12 -9.72
CA ASN A 103 -42.15 19.37 -8.28
C ASN A 103 -42.78 18.32 -7.38
N ASN A 104 -42.56 17.05 -7.75
CA ASN A 104 -43.12 15.93 -7.03
C ASN A 104 -42.10 15.20 -6.17
N LYS A 105 -42.48 14.96 -4.91
CA LYS A 105 -41.65 14.18 -4.00
C LYS A 105 -41.49 12.79 -4.58
N LEU A 106 -40.28 12.23 -4.44
CA LEU A 106 -39.93 10.96 -5.07
C LEU A 106 -39.28 10.00 -4.07
N PRO A 107 -39.53 8.69 -4.23
CA PRO A 107 -38.95 7.72 -3.31
C PRO A 107 -37.47 7.40 -3.60
N VAL A 108 -36.75 6.95 -2.58
CA VAL A 108 -35.32 6.62 -2.70
C VAL A 108 -35.06 5.21 -2.18
N LEU A 109 -34.54 4.37 -3.06
CA LEU A 109 -34.22 2.99 -2.71
C LEU A 109 -32.71 2.81 -2.81
N THR A 110 -32.11 2.15 -1.81
CA THR A 110 -30.66 2.11 -1.67
C THR A 110 -30.13 0.76 -1.20
N TRP A 111 -28.88 0.48 -1.58
CA TRP A 111 -28.17 -0.71 -1.09
C TRP A 111 -26.89 -0.31 -0.42
N SER A 112 -26.56 -1.00 0.67
CA SER A 112 -25.27 -0.83 1.35
C SER A 112 -24.95 0.65 1.62
N GLN A 113 -23.84 1.14 1.08
CA GLN A 113 -23.43 2.54 1.25
C GLN A 113 -24.48 3.54 0.76
N GLY A 114 -25.27 3.14 -0.22
CA GLY A 114 -26.36 3.97 -0.71
C GLY A 114 -27.25 4.50 0.39
N GLY A 115 -27.45 3.68 1.42
CA GLY A 115 -28.24 4.10 2.59
C GLY A 115 -27.53 5.18 3.37
N LEU A 116 -26.26 4.92 3.70
CA LEU A 116 -25.41 5.88 4.40
C LEU A 116 -25.37 7.21 3.63
N VAL A 117 -25.28 7.12 2.31
CA VAL A 117 -25.29 8.30 1.44
C VAL A 117 -26.60 9.06 1.60
N ALA A 118 -27.72 8.34 1.53
CA ALA A 118 -29.05 8.93 1.65
C ALA A 118 -29.20 9.73 2.94
N GLN A 119 -28.93 9.07 4.07
CA GLN A 119 -29.04 9.72 5.37
C GLN A 119 -28.04 10.88 5.51
N TRP A 120 -26.88 10.76 4.86
CA TRP A 120 -25.88 11.81 4.91
C TRP A 120 -26.40 13.06 4.25
N GLY A 121 -27.00 12.91 3.08
CA GLY A 121 -27.58 14.05 2.38
C GLY A 121 -28.74 14.64 3.16
N LEU A 122 -29.64 13.77 3.61
CA LEU A 122 -30.80 14.16 4.40
C LEU A 122 -30.39 14.96 5.63
N THR A 123 -29.30 14.54 6.29
CA THR A 123 -28.84 15.22 7.48
C THR A 123 -28.30 16.61 7.17
N PHE A 124 -27.41 16.69 6.18
CA PHE A 124 -26.62 17.90 6.00
C PHE A 124 -27.09 18.78 4.85
N PHE A 125 -27.98 18.26 4.03
CA PHE A 125 -28.54 19.07 2.93
C PHE A 125 -30.02 19.23 3.17
N PRO A 126 -30.43 20.30 3.87
CA PRO A 126 -31.83 20.43 4.25
C PRO A 126 -32.82 20.51 3.07
N SER A 127 -32.43 21.21 1.99
CA SER A 127 -33.35 21.50 0.89
C SER A 127 -33.99 20.27 0.26
N ILE A 128 -33.41 19.10 0.50
CA ILE A 128 -33.93 17.87 -0.11
C ILE A 128 -34.90 17.13 0.80
N ARG A 129 -34.96 17.50 2.07
CA ARG A 129 -35.84 16.82 3.02
C ARG A 129 -37.31 16.93 2.65
N SER A 130 -37.68 18.11 2.13
CA SER A 130 -39.04 18.36 1.66
C SER A 130 -39.25 17.86 0.22
N LYS A 131 -38.26 17.16 -0.34
CA LYS A 131 -38.30 16.70 -1.73
C LYS A 131 -38.19 15.19 -1.86
N VAL A 132 -37.91 14.53 -0.76
CA VAL A 132 -37.83 13.06 -0.74
C VAL A 132 -39.10 12.51 -0.11
N ASP A 133 -39.85 11.75 -0.88
CA ASP A 133 -41.08 11.15 -0.39
C ASP A 133 -40.81 10.16 0.74
N ARG A 134 -39.83 9.29 0.55
CA ARG A 134 -39.47 8.30 1.56
C ARG A 134 -38.13 7.63 1.23
N LEU A 135 -37.68 6.74 2.12
CA LEU A 135 -36.41 6.05 1.96
C LEU A 135 -36.53 4.57 2.28
N MET A 136 -36.22 3.73 1.30
CA MET A 136 -36.15 2.30 1.50
C MET A 136 -34.69 1.88 1.39
N ALA A 137 -34.09 1.54 2.54
CA ALA A 137 -32.68 1.21 2.59
C ALA A 137 -32.44 -0.27 2.89
N PHE A 138 -31.72 -0.93 1.98
CA PHE A 138 -31.36 -2.32 2.18
C PHE A 138 -29.93 -2.43 2.71
N ALA A 139 -29.80 -3.12 3.84
CA ALA A 139 -28.52 -3.32 4.53
C ALA A 139 -27.66 -2.05 4.64
N PRO A 140 -28.28 -0.93 5.06
CA PRO A 140 -27.51 0.30 5.19
C PRO A 140 -26.56 0.25 6.39
N ASP A 141 -25.42 0.92 6.26
CA ASP A 141 -24.38 0.86 7.28
C ASP A 141 -24.18 2.22 7.93
N TYR A 142 -25.23 2.71 8.60
CA TYR A 142 -25.22 4.05 9.20
C TYR A 142 -24.16 4.19 10.30
N LYS A 143 -23.78 3.07 10.91
CA LYS A 143 -22.75 3.05 11.95
C LYS A 143 -21.46 2.42 11.42
N GLY A 144 -21.40 2.24 10.10
CA GLY A 144 -20.26 1.61 9.48
C GLY A 144 -20.23 0.12 9.75
N THR A 145 -19.06 -0.47 9.66
CA THR A 145 -18.89 -1.89 9.94
C THR A 145 -17.51 -2.12 10.54
N VAL A 146 -17.46 -3.01 11.51
CA VAL A 146 -16.20 -3.37 12.13
C VAL A 146 -15.40 -4.25 11.17
N LEU A 147 -16.08 -4.79 10.17
CA LEU A 147 -15.49 -5.78 9.27
C LEU A 147 -14.54 -5.17 8.25
N ALA A 148 -14.46 -3.84 8.27
CA ALA A 148 -13.52 -3.12 7.42
C ALA A 148 -12.13 -3.05 8.06
N GLY A 149 -12.04 -3.44 9.33
CA GLY A 149 -10.81 -3.34 10.10
C GLY A 149 -9.58 -3.90 9.43
N PRO A 150 -9.64 -5.16 8.96
CA PRO A 150 -8.47 -5.77 8.37
C PRO A 150 -8.02 -5.05 7.09
N LEU A 151 -8.99 -4.63 6.29
CA LEU A 151 -8.70 -3.83 5.09
C LEU A 151 -7.96 -2.53 5.47
N ASP A 152 -8.46 -1.84 6.50
CA ASP A 152 -7.86 -0.60 6.99
C ASP A 152 -6.46 -0.83 7.54
N ALA A 153 -6.31 -1.92 8.29
CA ALA A 153 -5.04 -2.28 8.93
C ALA A 153 -3.92 -2.50 7.93
N LEU A 154 -4.29 -2.96 6.74
CA LEU A 154 -3.32 -3.19 5.68
C LEU A 154 -3.16 -1.96 4.78
N ALA A 155 -3.85 -0.88 5.13
CA ALA A 155 -3.76 0.39 4.41
C ALA A 155 -4.03 0.24 2.91
N VAL A 156 -4.99 -0.61 2.58
CA VAL A 156 -5.41 -0.79 1.18
C VAL A 156 -6.92 -0.49 1.02
N SER A 157 -7.42 0.39 1.88
CA SER A 157 -8.84 0.75 1.88
C SER A 157 -9.13 1.99 1.02
N ALA A 158 -10.16 1.89 0.18
CA ALA A 158 -10.66 3.01 -0.59
C ALA A 158 -11.22 4.08 0.33
N PRO A 159 -11.30 5.33 -0.16
CA PRO A 159 -11.88 6.44 0.57
C PRO A 159 -13.19 6.10 1.29
N SER A 160 -14.11 5.44 0.60
CA SER A 160 -15.42 5.15 1.20
C SER A 160 -15.34 3.96 2.16
N VAL A 161 -14.39 3.06 1.93
CA VAL A 161 -14.21 1.94 2.82
C VAL A 161 -13.70 2.43 4.18
N TRP A 162 -12.79 3.40 4.16
CA TRP A 162 -12.33 4.03 5.39
C TRP A 162 -13.49 4.62 6.12
N GLN A 163 -14.35 5.29 5.37
CA GLN A 163 -15.43 6.05 5.95
C GLN A 163 -16.56 5.15 6.46
N GLN A 164 -16.64 3.94 5.92
CA GLN A 164 -17.64 2.96 6.35
C GLN A 164 -17.12 2.03 7.45
N THR A 165 -16.00 2.40 8.06
CA THR A 165 -15.52 1.66 9.21
C THR A 165 -16.17 2.22 10.48
N THR A 166 -16.55 1.32 11.38
CA THR A 166 -17.09 1.74 12.67
C THR A 166 -16.09 2.63 13.37
N GLY A 167 -16.56 3.74 13.91
CA GLY A 167 -15.70 4.68 14.61
C GLY A 167 -15.00 5.68 13.67
N SER A 168 -15.29 5.61 12.37
CA SER A 168 -14.71 6.53 11.39
C SER A 168 -15.18 7.94 11.68
N ALA A 169 -14.48 8.92 11.11
CA ALA A 169 -14.82 10.33 11.29
C ALA A 169 -16.15 10.67 10.63
N LEU A 170 -16.44 10.02 9.51
CA LEU A 170 -17.70 10.19 8.80
C LEU A 170 -18.87 9.67 9.62
N THR A 171 -18.79 8.42 10.07
CA THR A 171 -19.87 7.82 10.86
C THR A 171 -20.03 8.55 12.19
N THR A 172 -18.92 8.98 12.77
CA THR A 172 -18.95 9.79 13.98
C THR A 172 -19.75 11.07 13.73
N ALA A 173 -19.44 11.74 12.63
CA ALA A 173 -20.13 12.97 12.27
C ALA A 173 -21.64 12.75 12.07
N LEU A 174 -21.99 11.66 11.38
CA LEU A 174 -23.40 11.37 11.12
C LEU A 174 -24.17 11.20 12.41
N ARG A 175 -23.62 10.44 13.36
CA ARG A 175 -24.28 10.25 14.66
C ARG A 175 -24.44 11.57 15.40
N ASN A 176 -23.34 12.32 15.52
CA ASN A 176 -23.32 13.54 16.32
C ASN A 176 -24.15 14.68 15.75
N ALA A 177 -24.55 14.56 14.49
CA ALA A 177 -25.39 15.58 13.87
C ALA A 177 -26.88 15.18 13.90
N GLY A 178 -27.17 14.07 14.59
CA GLY A 178 -28.53 13.55 14.75
C GLY A 178 -29.00 12.58 13.67
N GLY A 179 -28.07 12.13 12.84
CA GLY A 179 -28.39 11.36 11.64
C GLY A 179 -28.76 9.91 11.90
N LEU A 180 -28.72 9.48 13.15
CA LEU A 180 -29.16 8.13 13.50
C LEU A 180 -30.65 8.07 13.84
N THR A 181 -31.34 9.19 13.64
CA THR A 181 -32.80 9.27 13.70
C THR A 181 -33.31 9.58 12.31
N GLN A 182 -34.29 8.81 11.83
CA GLN A 182 -34.78 8.99 10.46
C GLN A 182 -35.35 10.39 10.24
N ILE A 183 -35.11 10.95 9.05
CA ILE A 183 -35.50 12.31 8.72
C ILE A 183 -36.71 12.32 7.79
N VAL A 184 -36.82 11.29 6.96
CA VAL A 184 -38.00 11.03 6.15
C VAL A 184 -38.45 9.61 6.47
N PRO A 185 -39.71 9.26 6.13
CA PRO A 185 -40.17 7.92 6.51
C PRO A 185 -39.26 6.85 5.93
N THR A 186 -38.69 6.02 6.79
CA THR A 186 -37.61 5.13 6.38
C THR A 186 -37.85 3.69 6.78
N THR A 187 -37.50 2.79 5.86
CA THR A 187 -37.60 1.36 6.08
C THR A 187 -36.21 0.70 5.93
N ASN A 188 -35.75 0.01 6.97
CA ASN A 188 -34.42 -0.58 6.98
C ASN A 188 -34.42 -2.10 7.06
N LEU A 189 -34.38 -2.73 5.89
CA LEU A 189 -34.28 -4.19 5.81
C LEU A 189 -32.82 -4.60 5.96
N TYR A 190 -32.51 -5.47 6.91
CA TYR A 190 -31.14 -5.99 7.07
C TYR A 190 -31.12 -7.40 7.68
N SER A 191 -29.93 -7.88 8.02
CA SER A 191 -29.76 -9.26 8.49
C SER A 191 -28.57 -9.46 9.43
N ALA A 192 -28.75 -10.34 10.41
CA ALA A 192 -27.71 -10.64 11.41
C ALA A 192 -26.57 -11.44 10.81
N THR A 193 -26.83 -12.09 9.68
CA THR A 193 -25.83 -12.96 9.08
C THR A 193 -24.98 -12.20 8.08
N ASP A 194 -25.24 -10.90 7.94
CA ASP A 194 -24.50 -10.06 7.03
C ASP A 194 -22.99 -10.22 7.23
N GLU A 195 -22.29 -10.55 6.15
CA GLU A 195 -20.85 -10.83 6.20
C GLU A 195 -19.99 -9.60 5.86
N ILE A 196 -20.65 -8.50 5.53
CA ILE A 196 -20.03 -7.24 5.15
C ILE A 196 -20.21 -6.20 6.27
N VAL A 197 -21.45 -6.08 6.76
CA VAL A 197 -21.80 -5.11 7.79
C VAL A 197 -22.13 -5.81 9.12
N GLN A 198 -21.43 -5.39 10.17
CA GLN A 198 -21.66 -5.79 11.55
C GLN A 198 -21.27 -4.63 12.46
N PRO A 199 -21.89 -4.49 13.64
CA PRO A 199 -22.88 -5.39 14.24
C PRO A 199 -24.30 -5.16 13.72
N GLN A 200 -24.98 -6.26 13.39
CA GLN A 200 -26.35 -6.21 12.88
C GLN A 200 -27.23 -7.21 13.62
N VAL A 201 -26.73 -7.72 14.74
CA VAL A 201 -27.28 -8.91 15.39
C VAL A 201 -28.37 -8.63 16.42
N SER A 202 -28.17 -7.61 17.25
CA SER A 202 -28.97 -7.43 18.45
C SER A 202 -30.44 -7.09 18.22
N ASN A 203 -30.80 -6.79 16.97
CA ASN A 203 -32.18 -6.42 16.64
C ASN A 203 -32.67 -5.19 17.44
N SER A 204 -31.80 -4.22 17.61
CA SER A 204 -32.09 -3.02 18.41
C SER A 204 -31.34 -1.85 17.79
N PRO A 205 -31.28 -0.70 18.48
CA PRO A 205 -30.44 0.42 18.06
C PRO A 205 -28.92 0.17 18.05
N LEU A 206 -28.44 -0.88 18.70
CA LEU A 206 -27.03 -1.28 18.59
C LEU A 206 -26.65 -1.61 17.14
N ASP A 207 -27.64 -1.99 16.34
CA ASP A 207 -27.42 -2.42 14.97
C ASP A 207 -27.09 -1.27 14.05
N SER A 208 -26.22 -1.57 13.08
CA SER A 208 -25.69 -0.55 12.17
C SER A 208 -26.76 0.01 11.22
N SER A 209 -27.80 -0.77 10.97
CA SER A 209 -28.87 -0.38 10.04
C SER A 209 -30.04 0.34 10.70
N TYR A 210 -30.06 0.36 12.04
CA TYR A 210 -31.17 0.91 12.79
C TYR A 210 -31.17 2.45 12.77
N LEU A 211 -32.32 3.03 12.39
CA LEU A 211 -32.58 4.45 12.57
C LEU A 211 -33.79 4.63 13.49
N PHE A 212 -33.67 5.54 14.46
CA PHE A 212 -34.76 5.80 15.39
C PHE A 212 -35.95 6.35 14.63
N ASN A 213 -37.15 5.89 15.02
CA ASN A 213 -38.43 6.30 14.41
C ASN A 213 -38.67 5.71 13.01
N GLY A 214 -37.86 4.73 12.63
CA GLY A 214 -37.97 4.11 11.32
C GLY A 214 -38.29 2.63 11.41
N LYS A 215 -38.83 2.09 10.32
CA LYS A 215 -39.25 0.71 10.28
C LYS A 215 -38.02 -0.21 10.17
N ASN A 216 -37.65 -0.85 11.27
CA ASN A 216 -36.43 -1.63 11.33
C ASN A 216 -36.66 -3.13 11.25
N VAL A 217 -36.46 -3.69 10.06
CA VAL A 217 -36.72 -5.11 9.80
C VAL A 217 -35.42 -5.91 9.70
N GLN A 218 -35.06 -6.58 10.79
CA GLN A 218 -34.02 -7.58 10.71
C GLN A 218 -34.71 -8.89 10.33
N ALA A 219 -34.18 -9.57 9.33
CA ALA A 219 -34.81 -10.75 8.76
C ALA A 219 -35.02 -11.90 9.75
N GLN A 220 -34.09 -12.06 10.70
CA GLN A 220 -34.15 -13.18 11.65
C GLN A 220 -35.25 -12.98 12.71
N ALA A 221 -35.88 -11.80 12.69
CA ALA A 221 -36.98 -11.48 13.58
C ALA A 221 -38.33 -11.75 12.94
N VAL A 222 -38.35 -11.95 11.62
CA VAL A 222 -39.58 -12.22 10.88
C VAL A 222 -39.52 -13.63 10.27
N CYS A 223 -38.34 -14.24 10.28
CA CYS A 223 -38.16 -15.59 9.76
C CYS A 223 -37.32 -16.43 10.73
N GLY A 224 -37.12 -15.92 11.94
CA GLY A 224 -36.53 -16.73 13.00
C GLY A 224 -35.02 -16.94 12.92
N PRO A 225 -34.42 -17.31 14.06
CA PRO A 225 -32.98 -17.45 14.26
C PRO A 225 -32.23 -18.18 13.17
N LEU A 226 -32.92 -19.02 12.42
CA LEU A 226 -32.28 -19.91 11.45
C LEU A 226 -32.06 -19.28 10.07
N PHE A 227 -32.77 -18.18 9.81
CA PHE A 227 -32.85 -17.61 8.46
C PHE A 227 -31.61 -16.82 8.06
N VAL A 228 -30.92 -17.31 7.03
CA VAL A 228 -29.67 -16.70 6.58
C VAL A 228 -29.84 -16.00 5.24
N ILE A 229 -29.63 -14.69 5.24
CA ILE A 229 -29.41 -13.92 4.02
C ILE A 229 -28.19 -13.03 4.22
N ASP A 230 -27.29 -13.03 3.24
CA ASP A 230 -26.06 -12.25 3.32
C ASP A 230 -26.31 -10.79 2.91
N HIS A 231 -25.22 -10.02 2.85
CA HIS A 231 -25.30 -8.61 2.50
C HIS A 231 -25.98 -8.38 1.18
N ALA A 232 -25.69 -9.25 0.21
CA ALA A 232 -26.24 -9.11 -1.13
C ALA A 232 -27.71 -9.51 -1.14
N GLY A 233 -27.99 -10.70 -0.62
CA GLY A 233 -29.36 -11.21 -0.52
C GLY A 233 -30.28 -10.18 0.12
N SER A 234 -29.73 -9.39 1.04
CA SER A 234 -30.50 -8.38 1.76
C SER A 234 -31.18 -7.40 0.82
N LEU A 235 -30.64 -7.24 -0.39
CA LEU A 235 -31.22 -6.32 -1.37
C LEU A 235 -32.14 -7.04 -2.38
N THR A 236 -31.76 -8.27 -2.74
CA THR A 236 -32.31 -8.94 -3.92
C THR A 236 -33.40 -9.99 -3.65
N SER A 237 -33.29 -10.70 -2.51
CA SER A 237 -34.18 -11.82 -2.16
C SER A 237 -35.67 -11.46 -2.27
N GLN A 238 -36.49 -12.47 -2.53
CA GLN A 238 -37.95 -12.30 -2.64
C GLN A 238 -38.52 -11.68 -1.36
N PHE A 239 -37.99 -12.11 -0.22
CA PHE A 239 -38.33 -11.47 1.04
C PHE A 239 -38.11 -9.95 0.94
N SER A 240 -36.93 -9.58 0.46
CA SER A 240 -36.56 -8.18 0.30
C SER A 240 -37.49 -7.45 -0.69
N TYR A 241 -38.09 -8.19 -1.61
CA TYR A 241 -39.03 -7.62 -2.58
C TYR A 241 -40.38 -7.22 -1.95
N VAL A 242 -40.91 -8.07 -1.09
CA VAL A 242 -42.22 -7.81 -0.49
C VAL A 242 -42.14 -6.60 0.43
N VAL A 243 -41.04 -6.55 1.19
CA VAL A 243 -40.75 -5.41 2.06
C VAL A 243 -40.59 -4.14 1.22
N GLY A 244 -39.87 -4.26 0.10
CA GLY A 244 -39.67 -3.14 -0.81
C GLY A 244 -40.96 -2.67 -1.45
N ARG A 245 -41.78 -3.64 -1.90
CA ARG A 245 -43.09 -3.36 -2.52
C ARG A 245 -43.99 -2.63 -1.54
N SER A 246 -43.99 -3.11 -0.30
CA SER A 246 -44.73 -2.48 0.79
C SER A 246 -44.33 -1.01 0.96
N ALA A 247 -43.06 -0.81 1.30
CA ALA A 247 -42.54 0.52 1.62
C ALA A 247 -42.82 1.56 0.55
N LEU A 248 -42.68 1.14 -0.71
CA LEU A 248 -42.83 2.07 -1.84
C LEU A 248 -44.26 2.52 -2.08
N ARG A 249 -45.22 1.64 -1.81
CA ARG A 249 -46.63 1.88 -2.12
C ARG A 249 -47.42 2.50 -0.96
N SER A 250 -46.92 2.32 0.26
CA SER A 250 -47.62 2.71 1.49
C SER A 250 -48.14 4.15 1.52
N THR A 251 -49.09 4.39 2.41
CA THR A 251 -49.66 5.71 2.67
C THR A 251 -48.90 6.47 3.77
N THR A 252 -48.13 5.73 4.58
CA THR A 252 -47.26 6.32 5.61
C THR A 252 -45.90 6.77 5.06
N GLY A 253 -45.30 5.95 4.20
CA GLY A 253 -43.94 6.14 3.73
C GLY A 253 -43.01 5.01 4.19
N GLN A 254 -43.51 4.19 5.11
CA GLN A 254 -42.77 3.05 5.64
C GLN A 254 -43.46 1.77 5.26
N ALA A 255 -42.73 0.66 5.29
CA ALA A 255 -43.33 -0.65 5.09
C ALA A 255 -44.16 -0.99 6.30
N ARG A 256 -45.14 -1.86 6.11
CA ARG A 256 -46.03 -2.27 7.19
C ARG A 256 -45.88 -3.76 7.41
N SER A 257 -46.09 -4.21 8.66
CA SER A 257 -45.91 -5.60 9.04
C SER A 257 -47.05 -6.44 8.48
N ALA A 258 -48.09 -5.76 7.99
CA ALA A 258 -49.23 -6.41 7.32
C ALA A 258 -48.83 -7.06 6.00
N ASP A 259 -47.90 -6.44 5.30
CA ASP A 259 -47.51 -6.87 3.97
C ASP A 259 -46.52 -8.06 3.92
N TYR A 260 -45.91 -8.42 5.07
CA TYR A 260 -44.90 -9.49 5.08
C TYR A 260 -45.00 -10.42 6.29
N GLY A 261 -44.48 -11.64 6.11
CA GLY A 261 -44.47 -12.67 7.14
C GLY A 261 -43.71 -13.89 6.63
N ILE A 262 -43.74 -15.01 7.39
CA ILE A 262 -42.96 -16.22 7.02
C ILE A 262 -43.23 -16.74 5.59
N THR A 263 -44.46 -16.57 5.11
CA THR A 263 -44.76 -16.91 3.72
C THR A 263 -43.91 -16.06 2.78
N ASP A 264 -43.66 -14.81 3.17
CA ASP A 264 -42.87 -13.93 2.33
C ASP A 264 -41.35 -14.10 2.56
N CYS A 265 -40.96 -14.98 3.48
CA CYS A 265 -39.55 -15.18 3.83
C CYS A 265 -38.80 -16.11 2.89
N ASN A 266 -38.49 -15.58 1.71
CA ASN A 266 -37.76 -16.31 0.66
C ASN A 266 -36.35 -15.74 0.43
N PRO A 267 -35.31 -16.48 0.86
CA PRO A 267 -33.90 -16.04 0.85
C PRO A 267 -33.28 -15.95 -0.54
N LEU A 268 -33.69 -16.83 -1.45
CA LEU A 268 -33.18 -16.86 -2.81
C LEU A 268 -33.70 -15.64 -3.57
N PRO A 269 -33.05 -15.29 -4.71
CA PRO A 269 -33.44 -14.09 -5.44
C PRO A 269 -34.93 -14.01 -5.80
N ALA A 270 -35.43 -12.79 -5.96
CA ALA A 270 -36.85 -12.53 -6.17
C ALA A 270 -37.47 -13.39 -7.28
N ASN A 271 -38.77 -13.64 -7.14
CA ASN A 271 -39.48 -14.53 -8.05
C ASN A 271 -39.88 -13.90 -9.37
N ASP A 272 -39.99 -12.57 -9.39
CA ASP A 272 -40.36 -11.85 -10.62
C ASP A 272 -39.13 -11.54 -11.49
N LEU A 273 -38.02 -12.24 -11.23
CA LEU A 273 -36.82 -12.10 -12.02
C LEU A 273 -36.64 -13.28 -12.97
N THR A 274 -36.29 -12.98 -14.21
CA THR A 274 -35.97 -14.01 -15.20
C THR A 274 -34.84 -14.89 -14.66
N PRO A 275 -34.85 -16.20 -14.97
CA PRO A 275 -33.86 -17.11 -14.42
C PRO A 275 -32.41 -16.63 -14.63
N GLU A 276 -32.18 -15.77 -15.63
CA GLU A 276 -30.88 -15.15 -15.83
C GLU A 276 -30.60 -14.08 -14.78
N GLN A 277 -31.63 -13.29 -14.46
CA GLN A 277 -31.52 -12.25 -13.44
C GLN A 277 -31.29 -12.81 -12.04
N LYS A 278 -31.84 -14.00 -11.78
CA LYS A 278 -31.65 -14.68 -10.51
C LYS A 278 -30.21 -15.11 -10.29
N VAL A 279 -29.51 -15.40 -11.38
CA VAL A 279 -28.10 -15.78 -11.31
C VAL A 279 -27.22 -14.53 -11.15
N ALA A 280 -27.59 -13.47 -11.86
CA ALA A 280 -26.88 -12.20 -11.78
C ALA A 280 -26.98 -11.61 -10.38
N ALA A 281 -28.17 -11.71 -9.78
CA ALA A 281 -28.38 -11.25 -8.42
C ALA A 281 -27.65 -12.12 -7.41
N ALA A 282 -27.65 -13.43 -7.64
CA ALA A 282 -26.94 -14.38 -6.77
C ALA A 282 -25.43 -14.18 -6.78
N ALA A 283 -24.95 -13.42 -7.76
CA ALA A 283 -23.53 -13.16 -7.92
C ALA A 283 -23.24 -11.65 -7.93
N LEU A 284 -24.07 -10.89 -7.20
CA LEU A 284 -23.99 -9.43 -7.17
C LEU A 284 -22.66 -8.94 -6.61
N LEU A 285 -22.16 -9.65 -5.60
CA LEU A 285 -20.93 -9.26 -4.89
C LEU A 285 -19.63 -9.42 -5.68
N ALA A 286 -19.62 -10.26 -6.71
CA ALA A 286 -18.38 -10.58 -7.40
C ALA A 286 -17.79 -9.41 -8.21
N PRO A 287 -18.62 -8.73 -9.04
CA PRO A 287 -18.08 -7.53 -9.68
C PRO A 287 -17.68 -6.48 -8.67
N ALA A 288 -18.44 -6.34 -7.60
CA ALA A 288 -18.12 -5.37 -6.56
C ALA A 288 -16.72 -5.63 -5.99
N ALA A 289 -16.46 -6.90 -5.67
CA ALA A 289 -15.19 -7.32 -5.08
C ALA A 289 -14.04 -7.01 -6.03
N ALA A 290 -14.25 -7.29 -7.31
CA ALA A 290 -13.29 -6.98 -8.34
C ALA A 290 -12.97 -5.45 -8.43
N ALA A 291 -14.01 -4.62 -8.39
CA ALA A 291 -13.85 -3.17 -8.41
C ALA A 291 -13.00 -2.67 -7.24
N ILE A 292 -13.16 -3.31 -6.08
CA ILE A 292 -12.46 -2.88 -4.87
C ILE A 292 -10.98 -3.24 -4.96
N VAL A 293 -10.71 -4.47 -5.36
CA VAL A 293 -9.35 -4.95 -5.55
C VAL A 293 -8.63 -4.07 -6.57
N ALA A 294 -9.36 -3.62 -7.58
CA ALA A 294 -8.79 -2.81 -8.67
C ALA A 294 -8.90 -1.31 -8.44
N GLY A 295 -9.65 -0.91 -7.42
CA GLY A 295 -9.97 0.50 -7.21
C GLY A 295 -8.93 1.28 -6.46
N PRO A 296 -9.21 2.56 -6.16
CA PRO A 296 -8.28 3.38 -5.39
C PRO A 296 -8.11 2.86 -3.96
N LYS A 297 -6.97 3.18 -3.36
CA LYS A 297 -6.66 2.74 -2.01
C LYS A 297 -5.78 3.77 -1.35
N GLN A 298 -5.97 3.97 -0.05
CA GLN A 298 -5.14 4.90 0.70
C GLN A 298 -5.03 4.43 2.14
N ASN A 299 -4.19 5.10 2.92
CA ASN A 299 -3.88 4.66 4.27
C ASN A 299 -4.48 5.54 5.36
N CYS A 300 -5.48 6.34 5.00
CA CYS A 300 -6.10 7.28 5.91
C CYS A 300 -7.50 7.59 5.44
N GLU A 301 -8.37 7.94 6.38
CA GLU A 301 -9.74 8.30 6.04
C GLU A 301 -9.75 9.71 5.49
N PRO A 302 -10.50 9.93 4.38
CA PRO A 302 -10.59 11.25 3.77
C PRO A 302 -10.96 12.32 4.77
N ASP A 303 -10.50 13.55 4.54
CA ASP A 303 -10.89 14.69 5.37
C ASP A 303 -12.38 14.96 5.22
N LEU A 304 -13.01 15.37 6.31
CA LEU A 304 -14.41 15.79 6.30
C LEU A 304 -14.49 17.18 5.70
N MET A 305 -15.53 17.43 4.92
CA MET A 305 -15.77 18.78 4.39
C MET A 305 -16.23 19.70 5.53
N PRO A 306 -16.03 21.03 5.36
CA PRO A 306 -16.32 21.98 6.44
C PRO A 306 -17.70 21.83 7.09
N TYR A 307 -18.69 21.41 6.33
CA TYR A 307 -20.05 21.34 6.84
C TYR A 307 -20.23 20.25 7.90
N ALA A 308 -19.43 19.20 7.79
CA ALA A 308 -19.50 18.07 8.72
C ALA A 308 -18.25 17.96 9.63
N ARG A 309 -17.23 18.74 9.34
CA ARG A 309 -15.95 18.65 10.08
C ARG A 309 -16.06 18.83 11.61
N PRO A 310 -16.85 19.83 12.06
CA PRO A 310 -16.91 20.05 13.51
C PRO A 310 -17.60 18.94 14.30
N PHE A 311 -18.26 18.01 13.62
CA PHE A 311 -18.99 16.92 14.27
C PHE A 311 -18.15 15.71 14.62
N ALA A 312 -16.87 15.73 14.22
CA ALA A 312 -15.97 14.60 14.48
C ALA A 312 -14.60 15.06 14.98
N VAL A 313 -14.61 16.08 15.82
CA VAL A 313 -13.40 16.59 16.44
C VAL A 313 -12.77 15.46 17.26
N GLY A 314 -11.46 15.31 17.13
CA GLY A 314 -10.73 14.27 17.84
C GLY A 314 -10.34 13.08 16.96
N LYS A 315 -11.11 12.85 15.90
CA LYS A 315 -10.83 11.74 14.97
C LYS A 315 -9.67 12.08 14.05
N ARG A 316 -9.10 11.07 13.41
CA ARG A 316 -7.90 11.24 12.61
C ARG A 316 -8.17 10.95 11.14
N THR A 317 -8.15 12.00 10.32
CA THR A 317 -8.26 11.82 8.88
C THR A 317 -6.89 12.10 8.24
N CYS A 318 -6.84 12.09 6.91
CA CYS A 318 -5.60 12.24 6.18
C CYS A 318 -4.78 13.47 6.57
N SER A 319 -5.43 14.58 6.90
CA SER A 319 -4.73 15.80 7.25
C SER A 319 -4.27 15.85 8.69
N GLY A 320 -4.77 14.92 9.49
CA GLY A 320 -4.43 14.86 10.90
C GLY A 320 -5.67 14.80 11.76
N ILE A 321 -5.49 15.12 13.03
CA ILE A 321 -6.57 15.09 14.01
C ILE A 321 -7.53 16.23 13.71
N VAL A 322 -8.80 15.87 13.47
CA VAL A 322 -9.85 16.85 13.22
C VAL A 322 -9.90 17.83 14.37
N THR A 323 -9.81 19.11 14.05
CA THR A 323 -9.90 20.17 15.05
C THR A 323 -11.03 21.15 14.72
N PRO A 324 -11.46 21.95 15.72
CA PRO A 324 -12.55 22.90 15.48
C PRO A 324 -12.13 24.05 14.57
N LEU B 8 -4.17 -41.87 -13.84
CA LEU B 8 -3.42 -41.35 -12.67
C LEU B 8 -1.92 -41.50 -12.87
N PRO B 9 -1.14 -40.40 -12.69
CA PRO B 9 0.31 -40.49 -12.92
C PRO B 9 0.99 -41.31 -11.84
N SER B 10 2.25 -41.69 -12.06
CA SER B 10 3.03 -42.39 -11.05
C SER B 10 4.53 -42.25 -11.32
N GLY B 11 5.32 -43.19 -10.80
CA GLY B 11 6.77 -43.11 -10.88
C GLY B 11 7.30 -42.28 -9.72
N SER B 12 8.28 -41.43 -10.02
CA SER B 12 8.90 -40.58 -9.01
C SER B 12 8.02 -39.41 -8.60
N ASP B 13 8.33 -38.82 -7.45
CA ASP B 13 7.76 -37.54 -7.04
C ASP B 13 8.41 -36.41 -7.85
N PRO B 14 7.61 -35.44 -8.30
CA PRO B 14 8.20 -34.26 -8.93
C PRO B 14 9.19 -33.54 -7.99
N ALA B 15 10.28 -33.04 -8.56
CA ALA B 15 11.27 -32.31 -7.77
C ALA B 15 10.68 -30.98 -7.30
N PHE B 16 10.82 -30.70 -6.00
CA PHE B 16 10.31 -29.46 -5.42
C PHE B 16 11.01 -28.25 -6.00
N SER B 17 10.28 -27.14 -6.12
CA SER B 17 10.88 -25.85 -6.47
C SER B 17 11.25 -25.12 -5.19
N GLN B 18 10.51 -25.40 -4.12
CA GLN B 18 10.81 -24.83 -2.81
C GLN B 18 11.84 -25.64 -2.08
N PRO B 19 12.81 -24.97 -1.44
CA PRO B 19 13.77 -25.68 -0.58
C PRO B 19 13.07 -26.49 0.50
N LYS B 20 13.69 -27.61 0.89
CA LYS B 20 13.13 -28.49 1.92
C LYS B 20 12.87 -27.70 3.20
N SER B 21 13.89 -26.97 3.64
CA SER B 21 13.83 -26.15 4.85
C SER B 21 12.77 -25.04 4.79
N VAL B 22 12.64 -24.41 3.62
CA VAL B 22 11.59 -23.40 3.37
C VAL B 22 10.21 -23.99 3.63
N LEU B 23 9.96 -25.18 3.09
CA LEU B 23 8.67 -25.85 3.23
C LEU B 23 8.36 -26.24 4.68
N ASP B 24 9.42 -26.43 5.45
CA ASP B 24 9.31 -26.86 6.85
C ASP B 24 8.67 -25.79 7.72
N ALA B 25 9.10 -24.54 7.49
CA ALA B 25 8.61 -23.39 8.25
C ALA B 25 7.12 -23.14 8.09
N GLY B 26 6.53 -23.73 7.05
CA GLY B 26 5.10 -23.58 6.79
C GLY B 26 4.22 -24.43 7.69
N LEU B 27 4.81 -25.45 8.33
CA LEU B 27 4.04 -26.43 9.11
C LEU B 27 4.13 -26.20 10.61
N THR B 28 3.00 -26.35 11.30
CA THR B 28 2.91 -26.12 12.74
C THR B 28 1.76 -26.96 13.34
N CYS B 29 1.95 -27.42 14.57
CA CYS B 29 0.93 -28.18 15.29
C CYS B 29 0.65 -27.60 16.68
N GLN B 30 -0.60 -27.72 17.12
CA GLN B 30 -1.01 -27.20 18.42
C GLN B 30 -0.53 -28.09 19.56
N GLY B 31 0.70 -27.86 20.01
CA GLY B 31 1.24 -28.55 21.17
C GLY B 31 2.44 -29.43 20.86
N ALA B 32 2.47 -29.99 19.66
CA ALA B 32 3.49 -30.98 19.28
C ALA B 32 4.47 -30.49 18.23
N SER B 33 5.63 -31.15 18.19
CA SER B 33 6.66 -30.88 17.20
C SER B 33 6.21 -31.53 15.90
N PRO B 34 6.86 -31.17 14.76
CA PRO B 34 6.46 -31.88 13.54
C PRO B 34 6.78 -33.37 13.63
N SER B 35 7.86 -33.70 14.35
CA SER B 35 8.36 -35.07 14.45
C SER B 35 7.73 -35.89 15.59
N SER B 36 6.99 -35.24 16.48
CA SER B 36 6.54 -35.91 17.70
C SER B 36 5.02 -36.00 17.79
N VAL B 37 4.33 -35.62 16.73
CA VAL B 37 2.88 -35.45 16.80
C VAL B 37 2.13 -36.78 16.97
N SER B 38 0.99 -36.72 17.69
CA SER B 38 0.17 -37.89 17.96
C SER B 38 -1.29 -37.63 17.64
N LYS B 39 -1.95 -38.56 16.94
CA LYS B 39 -3.31 -38.40 16.45
C LYS B 39 -3.46 -37.09 15.61
N PRO B 40 -2.52 -36.86 14.67
CA PRO B 40 -2.50 -35.59 13.95
C PRO B 40 -3.54 -35.48 12.84
N ILE B 41 -4.11 -34.28 12.69
CA ILE B 41 -4.92 -33.94 11.52
C ILE B 41 -4.27 -32.74 10.83
N LEU B 42 -4.12 -32.84 9.50
CA LEU B 42 -3.56 -31.73 8.72
C LEU B 42 -4.66 -30.85 8.16
N LEU B 43 -4.56 -29.56 8.43
CA LEU B 43 -5.52 -28.57 7.96
C LEU B 43 -4.90 -27.66 6.89
N VAL B 44 -5.53 -27.62 5.73
CA VAL B 44 -5.08 -26.77 4.63
C VAL B 44 -6.11 -25.67 4.41
N PRO B 45 -5.68 -24.40 4.54
CA PRO B 45 -6.58 -23.25 4.60
C PRO B 45 -7.09 -22.75 3.26
N GLY B 46 -8.03 -21.82 3.31
CA GLY B 46 -8.58 -21.18 2.11
C GLY B 46 -7.71 -20.10 1.50
N THR B 47 -8.19 -19.52 0.41
CA THR B 47 -7.44 -18.50 -0.32
C THR B 47 -7.44 -17.20 0.46
N GLY B 48 -6.27 -16.58 0.56
CA GLY B 48 -6.14 -15.30 1.27
C GLY B 48 -6.09 -15.46 2.78
N THR B 49 -5.71 -16.63 3.26
CA THR B 49 -5.64 -16.90 4.70
C THR B 49 -4.42 -17.71 5.07
N THR B 50 -4.18 -17.77 6.37
CA THR B 50 -3.23 -18.71 6.95
C THR B 50 -4.02 -19.83 7.60
N GLY B 51 -3.33 -20.88 8.05
CA GLY B 51 -3.97 -21.95 8.78
C GLY B 51 -4.81 -21.42 9.94
N PRO B 52 -4.17 -20.68 10.87
CA PRO B 52 -4.85 -20.09 12.03
C PRO B 52 -6.06 -19.25 11.64
N GLN B 53 -5.88 -18.35 10.69
CA GLN B 53 -6.98 -17.51 10.18
C GLN B 53 -8.19 -18.35 9.76
N SER B 54 -7.93 -19.33 8.90
CA SER B 54 -9.01 -20.16 8.34
C SER B 54 -9.68 -21.03 9.39
N PHE B 55 -8.92 -21.52 10.36
CA PHE B 55 -9.41 -22.61 11.19
C PHE B 55 -9.55 -22.35 12.69
N ASP B 56 -8.73 -21.48 13.26
CA ASP B 56 -8.70 -21.37 14.73
C ASP B 56 -10.04 -20.95 15.35
N SER B 57 -10.94 -20.43 14.53
CA SER B 57 -12.27 -20.07 15.00
C SER B 57 -13.27 -21.21 14.77
N ASN B 58 -12.81 -22.32 14.20
CA ASN B 58 -13.72 -23.42 13.83
C ASN B 58 -13.19 -24.85 13.99
N TRP B 59 -12.22 -25.26 13.17
CA TRP B 59 -11.75 -26.67 13.16
C TRP B 59 -10.53 -27.00 13.96
N ILE B 60 -9.72 -25.99 14.28
CA ILE B 60 -8.64 -26.18 15.24
C ILE B 60 -9.24 -26.49 16.62
N PRO B 61 -10.35 -25.79 16.98
CA PRO B 61 -10.92 -26.11 18.28
C PRO B 61 -11.89 -27.30 18.24
N LEU B 62 -12.42 -27.60 17.06
CA LEU B 62 -13.29 -28.77 16.88
C LEU B 62 -12.46 -30.06 16.91
N SER B 63 -11.27 -30.00 16.32
CA SER B 63 -10.37 -31.16 16.27
C SER B 63 -9.90 -31.59 17.65
N THR B 64 -9.57 -30.63 18.52
CA THR B 64 -9.09 -30.92 19.86
C THR B 64 -10.12 -31.71 20.68
N GLN B 65 -11.37 -31.24 20.65
CA GLN B 65 -12.45 -31.92 21.36
C GLN B 65 -12.64 -33.34 20.81
N LEU B 66 -12.47 -33.50 19.51
CA LEU B 66 -12.60 -34.79 18.85
C LEU B 66 -11.50 -35.79 19.23
N GLY B 67 -10.30 -35.26 19.49
CA GLY B 67 -9.18 -36.11 19.87
C GLY B 67 -7.89 -35.88 19.13
N TYR B 68 -7.98 -35.25 17.96
CA TYR B 68 -6.80 -35.07 17.14
C TYR B 68 -6.01 -33.86 17.59
N THR B 69 -4.71 -33.93 17.35
CA THR B 69 -3.80 -32.84 17.56
C THR B 69 -3.72 -31.98 16.28
N PRO B 70 -4.35 -30.80 16.31
CA PRO B 70 -4.52 -30.03 15.07
C PRO B 70 -3.21 -29.51 14.52
N CYS B 71 -3.06 -29.61 13.20
CA CYS B 71 -1.90 -29.09 12.49
C CYS B 71 -2.33 -28.36 11.22
N TRP B 72 -1.42 -27.58 10.65
CA TRP B 72 -1.74 -26.75 9.48
C TRP B 72 -0.53 -26.33 8.73
N ILE B 73 -0.74 -26.00 7.46
CA ILE B 73 0.26 -25.25 6.68
C ILE B 73 -0.24 -23.81 6.48
N SER B 74 0.70 -22.91 6.25
CA SER B 74 0.36 -21.52 5.95
C SER B 74 1.33 -21.00 4.89
N PRO B 75 1.15 -21.41 3.62
CA PRO B 75 2.08 -21.04 2.56
C PRO B 75 2.09 -19.53 2.24
N PRO B 76 3.29 -18.92 2.22
CA PRO B 76 3.42 -17.50 1.87
C PRO B 76 3.18 -17.20 0.39
N PRO B 77 2.50 -16.07 0.08
CA PRO B 77 1.79 -15.20 1.01
C PRO B 77 0.28 -15.42 0.99
N PHE B 78 -0.26 -15.88 2.11
CA PHE B 78 -1.69 -16.06 2.29
C PHE B 78 -2.34 -16.89 1.19
N MET B 79 -1.67 -17.97 0.78
CA MET B 79 -2.23 -18.92 -0.20
C MET B 79 -2.52 -18.27 -1.57
N LEU B 80 -1.87 -17.15 -1.85
CA LEU B 80 -2.11 -16.41 -3.08
C LEU B 80 -1.05 -16.72 -4.12
N ASN B 81 0.02 -17.39 -3.68
CA ASN B 81 1.07 -17.83 -4.58
C ASN B 81 0.61 -19.04 -5.42
N ASP B 82 1.41 -19.40 -6.42
CA ASP B 82 1.22 -20.60 -7.24
C ASP B 82 0.64 -21.76 -6.43
N THR B 83 -0.46 -22.33 -6.90
CA THR B 83 -1.10 -23.46 -6.22
C THR B 83 -0.20 -24.72 -6.24
N GLN B 84 0.66 -24.80 -7.25
CA GLN B 84 1.66 -25.86 -7.32
C GLN B 84 2.67 -25.74 -6.17
N VAL B 85 3.09 -24.51 -5.88
CA VAL B 85 3.99 -24.23 -4.76
C VAL B 85 3.25 -24.38 -3.42
N ASN B 86 1.99 -23.94 -3.36
CA ASN B 86 1.14 -24.17 -2.21
C ASN B 86 1.03 -25.65 -1.87
N THR B 87 1.10 -26.49 -2.91
CA THR B 87 0.98 -27.93 -2.75
C THR B 87 2.29 -28.52 -2.19
N GLU B 88 3.43 -28.01 -2.66
CA GLU B 88 4.73 -28.44 -2.15
C GLU B 88 4.77 -28.35 -0.63
N TYR B 89 4.00 -27.41 -0.06
CA TYR B 89 3.89 -27.24 1.40
C TYR B 89 3.16 -28.42 2.04
N MET B 90 2.12 -28.90 1.36
CA MET B 90 1.32 -30.01 1.87
C MET B 90 2.03 -31.37 1.69
N VAL B 91 2.83 -31.49 0.64
CA VAL B 91 3.58 -32.71 0.37
C VAL B 91 4.70 -32.91 1.39
N ASN B 92 5.48 -31.85 1.62
CA ASN B 92 6.50 -31.86 2.68
C ASN B 92 5.88 -32.03 4.06
N ALA B 93 4.63 -31.62 4.21
CA ALA B 93 3.92 -31.73 5.47
C ALA B 93 3.42 -33.14 5.75
N ILE B 94 2.94 -33.84 4.72
CA ILE B 94 2.42 -35.21 4.88
C ILE B 94 3.58 -36.20 5.07
N THR B 95 4.72 -35.89 4.46
CA THR B 95 5.96 -36.63 4.72
C THR B 95 6.43 -36.39 6.16
N ALA B 96 6.07 -35.24 6.73
CA ALA B 96 6.44 -34.89 8.10
C ALA B 96 5.49 -35.54 9.12
N LEU B 97 4.19 -35.31 8.96
CA LEU B 97 3.20 -35.81 9.91
C LEU B 97 3.05 -37.33 9.86
N TYR B 98 3.60 -37.93 8.80
CA TYR B 98 3.63 -39.38 8.64
C TYR B 98 4.81 -39.96 9.43
N ALA B 99 6.02 -39.54 9.04
CA ALA B 99 7.26 -39.94 9.71
C ALA B 99 7.29 -39.50 11.17
N GLY B 100 6.69 -38.35 11.45
CA GLY B 100 6.62 -37.80 12.80
C GLY B 100 5.45 -38.29 13.65
N SER B 101 4.64 -39.18 13.08
CA SER B 101 3.63 -39.88 13.84
C SER B 101 4.00 -41.36 13.91
N GLY B 102 5.26 -41.67 13.57
CA GLY B 102 5.79 -43.04 13.61
C GLY B 102 5.27 -43.92 12.48
N ASN B 103 5.40 -43.44 11.24
CA ASN B 103 4.91 -44.13 10.05
C ASN B 103 3.43 -44.52 10.09
N ASN B 104 2.55 -43.54 10.28
CA ASN B 104 1.11 -43.77 10.27
C ASN B 104 0.38 -42.82 9.31
N LYS B 105 -0.70 -43.30 8.70
CA LYS B 105 -1.58 -42.47 7.89
C LYS B 105 -2.25 -41.41 8.77
N LEU B 106 -2.56 -40.25 8.17
CA LEU B 106 -3.20 -39.13 8.89
C LEU B 106 -4.33 -38.49 8.07
N PRO B 107 -5.43 -38.06 8.72
CA PRO B 107 -6.50 -37.39 7.96
C PRO B 107 -6.11 -35.98 7.49
N VAL B 108 -6.80 -35.47 6.48
CA VAL B 108 -6.58 -34.13 5.95
C VAL B 108 -7.91 -33.41 5.79
N LEU B 109 -8.04 -32.25 6.43
CA LEU B 109 -9.27 -31.46 6.40
C LEU B 109 -9.00 -30.07 5.82
N THR B 110 -9.84 -29.62 4.87
CA THR B 110 -9.52 -28.46 4.06
C THR B 110 -10.71 -27.54 3.76
N TRP B 111 -10.39 -26.27 3.47
CA TRP B 111 -11.37 -25.27 3.05
C TRP B 111 -10.95 -24.62 1.75
N SER B 112 -11.92 -24.38 0.87
CA SER B 112 -11.67 -23.69 -0.39
C SER B 112 -10.49 -24.29 -1.16
N GLN B 113 -9.57 -23.43 -1.60
CA GLN B 113 -8.40 -23.84 -2.36
C GLN B 113 -7.66 -25.01 -1.68
N GLY B 114 -7.85 -25.14 -0.37
CA GLY B 114 -7.23 -26.21 0.39
C GLY B 114 -7.52 -27.58 -0.19
N GLY B 115 -8.78 -27.81 -0.55
CA GLY B 115 -9.20 -29.06 -1.20
C GLY B 115 -8.47 -29.29 -2.50
N LEU B 116 -8.58 -28.30 -3.40
CA LEU B 116 -7.89 -28.33 -4.68
C LEU B 116 -6.40 -28.65 -4.52
N VAL B 117 -5.76 -28.03 -3.53
CA VAL B 117 -4.34 -28.27 -3.26
C VAL B 117 -4.08 -29.73 -2.86
N ALA B 118 -4.93 -30.25 -1.96
CA ALA B 118 -4.81 -31.62 -1.51
C ALA B 118 -4.89 -32.57 -2.71
N GLN B 119 -5.97 -32.45 -3.47
CA GLN B 119 -6.20 -33.31 -4.61
C GLN B 119 -5.11 -33.16 -5.66
N TRP B 120 -4.51 -31.97 -5.70
CA TRP B 120 -3.43 -31.70 -6.64
C TRP B 120 -2.18 -32.47 -6.27
N GLY B 121 -1.87 -32.53 -4.98
CA GLY B 121 -0.72 -33.28 -4.49
C GLY B 121 -0.93 -34.78 -4.62
N LEU B 122 -2.13 -35.22 -4.23
CA LEU B 122 -2.53 -36.60 -4.40
C LEU B 122 -2.39 -37.06 -5.86
N THR B 123 -2.67 -36.15 -6.79
CA THR B 123 -2.65 -36.49 -8.21
C THR B 123 -1.23 -36.60 -8.76
N PHE B 124 -0.34 -35.71 -8.34
CA PHE B 124 0.96 -35.61 -8.98
C PHE B 124 2.16 -35.99 -8.11
N PHE B 125 1.91 -36.37 -6.87
CA PHE B 125 2.97 -36.79 -5.96
C PHE B 125 2.69 -38.19 -5.41
N PRO B 126 3.18 -39.24 -6.11
CA PRO B 126 2.91 -40.62 -5.73
C PRO B 126 3.16 -40.91 -4.26
N SER B 127 4.31 -40.48 -3.75
CA SER B 127 4.76 -40.87 -2.41
C SER B 127 3.72 -40.62 -1.32
N ILE B 128 2.93 -39.55 -1.47
CA ILE B 128 1.98 -39.16 -0.41
C ILE B 128 0.66 -39.91 -0.49
N ARG B 129 0.43 -40.62 -1.59
CA ARG B 129 -0.81 -41.36 -1.76
C ARG B 129 -0.88 -42.47 -0.72
N SER B 130 0.29 -42.99 -0.35
CA SER B 130 0.42 -44.07 0.62
C SER B 130 0.28 -43.58 2.06
N LYS B 131 0.34 -42.26 2.23
CA LYS B 131 0.49 -41.66 3.56
C LYS B 131 -0.73 -40.86 4.04
N VAL B 132 -1.74 -40.70 3.18
CA VAL B 132 -2.93 -39.92 3.53
C VAL B 132 -4.10 -40.84 3.85
N ASP B 133 -4.60 -40.75 5.08
CA ASP B 133 -5.68 -41.61 5.56
C ASP B 133 -7.00 -41.34 4.86
N ARG B 134 -7.45 -40.09 4.94
CA ARG B 134 -8.68 -39.68 4.30
C ARG B 134 -8.58 -38.20 3.93
N LEU B 135 -9.65 -37.66 3.36
CA LEU B 135 -9.72 -36.25 2.99
C LEU B 135 -11.12 -35.69 3.20
N MET B 136 -11.22 -34.74 4.12
CA MET B 136 -12.45 -34.01 4.34
C MET B 136 -12.27 -32.62 3.76
N ALA B 137 -13.05 -32.30 2.73
CA ALA B 137 -12.94 -31.02 2.05
C ALA B 137 -14.25 -30.25 2.10
N PHE B 138 -14.16 -29.00 2.58
CA PHE B 138 -15.31 -28.11 2.64
C PHE B 138 -15.24 -27.08 1.53
N ALA B 139 -16.37 -26.91 0.84
CA ALA B 139 -16.48 -26.09 -0.36
C ALA B 139 -15.23 -26.10 -1.26
N PRO B 140 -14.70 -27.29 -1.60
CA PRO B 140 -13.52 -27.33 -2.46
C PRO B 140 -13.84 -26.96 -3.91
N ASP B 141 -12.85 -26.44 -4.62
CA ASP B 141 -13.02 -25.96 -5.99
C ASP B 141 -12.10 -26.70 -6.96
N TYR B 142 -12.38 -27.99 -7.17
CA TYR B 142 -11.55 -28.84 -8.03
C TYR B 142 -11.66 -28.45 -9.51
N LYS B 143 -12.79 -27.88 -9.90
CA LYS B 143 -12.98 -27.33 -11.25
C LYS B 143 -12.84 -25.80 -11.25
N GLY B 144 -12.36 -25.26 -10.12
CA GLY B 144 -12.27 -23.82 -9.93
C GLY B 144 -13.61 -23.13 -9.79
N THR B 145 -13.62 -21.84 -10.07
CA THR B 145 -14.82 -21.04 -10.03
C THR B 145 -14.87 -20.08 -11.21
N VAL B 146 -16.09 -19.72 -11.59
CA VAL B 146 -16.30 -18.76 -12.66
C VAL B 146 -16.31 -17.34 -12.12
N LEU B 147 -16.49 -17.22 -10.82
CA LEU B 147 -16.62 -15.90 -10.19
C LEU B 147 -15.28 -15.17 -10.03
N ALA B 148 -14.20 -15.81 -10.45
CA ALA B 148 -12.88 -15.20 -10.49
C ALA B 148 -12.70 -14.36 -11.76
N GLY B 149 -13.67 -14.43 -12.66
CA GLY B 149 -13.59 -13.80 -13.97
C GLY B 149 -13.43 -12.29 -13.99
N PRO B 150 -14.30 -11.56 -13.26
CA PRO B 150 -14.15 -10.12 -13.19
C PRO B 150 -12.76 -9.68 -12.69
N LEU B 151 -12.28 -10.32 -11.62
CA LEU B 151 -10.91 -10.09 -11.13
C LEU B 151 -9.89 -10.35 -12.22
N ASP B 152 -10.05 -11.46 -12.93
CA ASP B 152 -9.13 -11.84 -13.99
C ASP B 152 -9.17 -10.85 -15.14
N ALA B 153 -10.38 -10.37 -15.45
CA ALA B 153 -10.58 -9.42 -16.55
C ALA B 153 -9.92 -8.08 -16.28
N LEU B 154 -9.78 -7.74 -15.00
CA LEU B 154 -9.15 -6.50 -14.60
C LEU B 154 -7.66 -6.66 -14.36
N ALA B 155 -7.15 -7.87 -14.60
CA ALA B 155 -5.74 -8.19 -14.37
C ALA B 155 -5.29 -7.86 -12.96
N VAL B 156 -6.18 -8.10 -11.99
CA VAL B 156 -5.89 -7.84 -10.57
C VAL B 156 -5.96 -9.13 -9.77
N SER B 157 -5.72 -10.25 -10.46
CA SER B 157 -5.79 -11.57 -9.82
C SER B 157 -4.43 -12.13 -9.44
N ALA B 158 -4.34 -12.62 -8.21
CA ALA B 158 -3.16 -13.29 -7.72
C ALA B 158 -2.92 -14.56 -8.52
N PRO B 159 -1.68 -15.09 -8.47
CA PRO B 159 -1.35 -16.36 -9.11
C PRO B 159 -2.40 -17.47 -8.90
N SER B 160 -2.81 -17.71 -7.65
CA SER B 160 -3.76 -18.79 -7.37
C SER B 160 -5.19 -18.45 -7.76
N VAL B 161 -5.50 -17.16 -7.85
CA VAL B 161 -6.82 -16.71 -8.29
C VAL B 161 -7.03 -17.00 -9.79
N TRP B 162 -5.96 -16.85 -10.58
CA TRP B 162 -5.97 -17.27 -11.97
C TRP B 162 -6.20 -18.75 -12.08
N GLN B 163 -5.56 -19.48 -11.18
CA GLN B 163 -5.54 -20.93 -11.20
C GLN B 163 -6.85 -21.53 -10.71
N GLN B 164 -7.54 -20.80 -9.85
CA GLN B 164 -8.84 -21.24 -9.34
C GLN B 164 -9.97 -20.75 -10.24
N THR B 165 -9.63 -20.31 -11.44
CA THR B 165 -10.63 -19.90 -12.41
C THR B 165 -11.02 -21.08 -13.27
N THR B 166 -12.32 -21.21 -13.54
CA THR B 166 -12.83 -22.26 -14.41
C THR B 166 -12.16 -22.16 -15.77
N GLY B 167 -11.62 -23.28 -16.24
CA GLY B 167 -10.96 -23.35 -17.54
C GLY B 167 -9.47 -23.09 -17.48
N SER B 168 -8.96 -22.71 -16.30
CA SER B 168 -7.53 -22.49 -16.09
C SER B 168 -6.72 -23.70 -16.49
N ALA B 169 -5.47 -23.47 -16.89
CA ALA B 169 -4.54 -24.54 -17.22
C ALA B 169 -4.42 -25.52 -16.06
N LEU B 170 -4.51 -25.00 -14.84
CA LEU B 170 -4.36 -25.82 -13.64
C LEU B 170 -5.57 -26.75 -13.43
N THR B 171 -6.78 -26.21 -13.45
CA THR B 171 -7.98 -27.05 -13.30
C THR B 171 -8.07 -28.04 -14.46
N THR B 172 -7.69 -27.60 -15.66
CA THR B 172 -7.64 -28.44 -16.83
C THR B 172 -6.70 -29.63 -16.62
N ALA B 173 -5.47 -29.33 -16.21
CA ALA B 173 -4.47 -30.37 -15.98
C ALA B 173 -4.95 -31.38 -14.95
N LEU B 174 -5.65 -30.88 -13.93
CA LEU B 174 -6.14 -31.74 -12.87
C LEU B 174 -7.12 -32.78 -13.42
N ARG B 175 -8.07 -32.34 -14.26
CA ARG B 175 -9.03 -33.28 -14.83
C ARG B 175 -8.35 -34.31 -15.74
N ASN B 176 -7.40 -33.86 -16.55
CA ASN B 176 -6.76 -34.70 -17.56
C ASN B 176 -5.68 -35.67 -17.04
N ALA B 177 -5.31 -35.54 -15.77
CA ALA B 177 -4.41 -36.51 -15.15
C ALA B 177 -5.19 -37.40 -14.17
N GLY B 178 -6.53 -37.37 -14.29
CA GLY B 178 -7.38 -38.24 -13.49
C GLY B 178 -7.49 -37.82 -12.04
N GLY B 179 -7.60 -36.50 -11.84
CA GLY B 179 -7.68 -35.89 -10.51
C GLY B 179 -9.08 -35.50 -10.07
N LEU B 180 -10.08 -35.74 -10.92
CA LEU B 180 -11.48 -35.57 -10.50
C LEU B 180 -12.09 -36.88 -9.98
N THR B 181 -11.22 -37.86 -9.72
CA THR B 181 -11.57 -39.09 -9.00
C THR B 181 -10.84 -39.08 -7.66
N GLN B 182 -11.53 -39.42 -6.57
CA GLN B 182 -10.87 -39.46 -5.26
C GLN B 182 -9.70 -40.45 -5.24
N ILE B 183 -8.54 -40.00 -4.79
CA ILE B 183 -7.34 -40.83 -4.80
C ILE B 183 -7.21 -41.58 -3.47
N VAL B 184 -7.72 -40.98 -2.41
CA VAL B 184 -7.90 -41.66 -1.13
C VAL B 184 -9.38 -41.52 -0.77
N PRO B 185 -9.84 -42.11 0.34
CA PRO B 185 -11.25 -41.90 0.70
C PRO B 185 -11.53 -40.43 1.00
N THR B 186 -12.57 -39.88 0.40
CA THR B 186 -12.78 -38.44 0.36
C THR B 186 -14.24 -38.06 0.54
N THR B 187 -14.48 -37.05 1.37
CA THR B 187 -15.81 -36.47 1.57
C THR B 187 -15.78 -35.00 1.16
N ASN B 188 -16.83 -34.55 0.47
CA ASN B 188 -16.91 -33.17 -0.02
C ASN B 188 -18.23 -32.48 0.33
N LEU B 189 -18.20 -31.66 1.38
CA LEU B 189 -19.37 -30.89 1.78
C LEU B 189 -19.31 -29.50 1.17
N TYR B 190 -20.41 -29.06 0.55
CA TYR B 190 -20.46 -27.77 -0.11
C TYR B 190 -21.88 -27.27 -0.25
N SER B 191 -22.03 -26.00 -0.62
CA SER B 191 -23.33 -25.36 -0.72
C SER B 191 -23.57 -24.91 -2.15
N ALA B 192 -24.84 -24.72 -2.48
CA ALA B 192 -25.23 -24.23 -3.79
C ALA B 192 -25.30 -22.71 -3.78
N THR B 193 -25.47 -22.14 -2.59
CA THR B 193 -25.52 -20.69 -2.42
C THR B 193 -24.13 -20.10 -2.17
N ASP B 194 -23.11 -20.93 -2.32
CA ASP B 194 -21.71 -20.52 -2.24
C ASP B 194 -21.43 -19.38 -3.22
N GLU B 195 -20.96 -18.24 -2.70
CA GLU B 195 -20.83 -17.01 -3.49
C GLU B 195 -19.41 -16.80 -4.02
N ILE B 196 -18.49 -17.70 -3.65
CA ILE B 196 -17.11 -17.65 -4.11
C ILE B 196 -16.89 -18.68 -5.22
N VAL B 197 -17.27 -19.93 -4.93
CA VAL B 197 -17.08 -21.04 -5.86
C VAL B 197 -18.39 -21.40 -6.52
N GLN B 198 -18.37 -21.48 -7.84
CA GLN B 198 -19.51 -21.91 -8.67
C GLN B 198 -18.97 -22.44 -10.00
N PRO B 199 -19.70 -23.39 -10.63
CA PRO B 199 -21.02 -23.86 -10.24
C PRO B 199 -20.97 -24.98 -9.20
N GLN B 200 -21.93 -24.94 -8.27
CA GLN B 200 -22.06 -25.95 -7.23
C GLN B 200 -23.53 -26.33 -7.03
N VAL B 201 -24.35 -26.15 -8.07
CA VAL B 201 -25.81 -26.15 -7.93
C VAL B 201 -26.50 -27.44 -8.39
N SER B 202 -25.93 -28.11 -9.38
CA SER B 202 -26.58 -29.26 -10.01
C SER B 202 -26.68 -30.51 -9.11
N ASN B 203 -25.93 -30.53 -8.00
CA ASN B 203 -25.90 -31.69 -7.11
C ASN B 203 -25.41 -32.96 -7.82
N SER B 204 -24.41 -32.79 -8.69
CA SER B 204 -23.95 -33.85 -9.58
C SER B 204 -22.47 -33.62 -9.91
N PRO B 205 -21.89 -34.43 -10.83
CA PRO B 205 -20.47 -34.26 -11.17
C PRO B 205 -20.10 -32.93 -11.86
N LEU B 206 -21.09 -32.13 -12.23
CA LEU B 206 -20.83 -30.78 -12.74
C LEU B 206 -20.23 -29.83 -11.68
N ASP B 207 -20.56 -30.10 -10.42
CA ASP B 207 -20.15 -29.24 -9.31
C ASP B 207 -18.65 -29.31 -9.09
N SER B 208 -18.07 -28.14 -8.81
CA SER B 208 -16.62 -28.00 -8.68
C SER B 208 -16.07 -28.79 -7.49
N SER B 209 -16.95 -29.19 -6.58
CA SER B 209 -16.56 -29.92 -5.38
C SER B 209 -16.60 -31.45 -5.54
N TYR B 210 -17.27 -31.92 -6.60
CA TYR B 210 -17.50 -33.35 -6.82
C TYR B 210 -16.24 -34.09 -7.25
N LEU B 211 -15.97 -35.20 -6.57
CA LEU B 211 -14.97 -36.18 -7.04
C LEU B 211 -15.64 -37.53 -7.28
N PHE B 212 -15.13 -38.28 -8.25
CA PHE B 212 -15.67 -39.59 -8.57
C PHE B 212 -15.28 -40.61 -7.50
N ASN B 213 -16.29 -41.33 -7.01
CA ASN B 213 -16.17 -42.30 -5.89
C ASN B 213 -16.08 -41.68 -4.49
N GLY B 214 -16.11 -40.35 -4.42
CA GLY B 214 -16.07 -39.68 -3.13
C GLY B 214 -17.46 -39.50 -2.58
N LYS B 215 -17.54 -39.30 -1.26
CA LYS B 215 -18.79 -38.94 -0.62
C LYS B 215 -19.06 -37.44 -0.80
N ASN B 216 -19.97 -37.13 -1.72
CA ASN B 216 -20.26 -35.73 -2.08
C ASN B 216 -21.58 -35.23 -1.47
N VAL B 217 -21.46 -34.44 -0.42
CA VAL B 217 -22.65 -33.88 0.24
C VAL B 217 -22.88 -32.41 -0.15
N GLN B 218 -24.01 -32.14 -0.78
CA GLN B 218 -24.41 -30.77 -1.02
C GLN B 218 -25.49 -30.45 0.00
N ALA B 219 -25.37 -29.30 0.65
CA ALA B 219 -26.21 -28.97 1.81
C ALA B 219 -27.71 -28.87 1.49
N GLN B 220 -28.06 -28.44 0.28
CA GLN B 220 -29.46 -28.29 -0.13
C GLN B 220 -30.13 -29.64 -0.44
N ALA B 221 -29.30 -30.64 -0.77
CA ALA B 221 -29.76 -31.99 -1.07
C ALA B 221 -30.15 -32.76 0.20
N VAL B 222 -30.19 -32.05 1.33
CA VAL B 222 -30.66 -32.63 2.59
C VAL B 222 -31.50 -31.63 3.39
N CYS B 223 -31.12 -30.35 3.31
CA CYS B 223 -31.79 -29.29 4.05
C CYS B 223 -32.81 -28.52 3.22
N GLY B 224 -32.84 -28.81 1.92
CA GLY B 224 -33.85 -28.26 1.02
C GLY B 224 -33.37 -27.04 0.29
N PRO B 225 -34.07 -26.68 -0.81
CA PRO B 225 -33.73 -25.50 -1.61
C PRO B 225 -34.15 -24.17 -0.99
N LEU B 226 -33.91 -24.01 0.31
CA LEU B 226 -34.09 -22.73 1.00
C LEU B 226 -33.05 -22.58 2.12
N PHE B 227 -32.20 -23.59 2.26
CA PHE B 227 -31.10 -23.56 3.21
C PHE B 227 -29.92 -22.80 2.62
N VAL B 228 -29.57 -21.68 3.26
CA VAL B 228 -28.48 -20.83 2.77
C VAL B 228 -27.30 -20.89 3.72
N ILE B 229 -26.17 -21.39 3.21
CA ILE B 229 -24.86 -21.17 3.81
C ILE B 229 -23.90 -20.79 2.68
N ASP B 230 -23.07 -19.78 2.92
CA ASP B 230 -22.12 -19.30 1.90
C ASP B 230 -20.80 -20.06 2.01
N HIS B 231 -19.78 -19.56 1.30
CA HIS B 231 -18.48 -20.20 1.23
C HIS B 231 -17.81 -20.37 2.57
N ALA B 232 -18.12 -19.45 3.51
CA ALA B 232 -17.59 -19.54 4.86
C ALA B 232 -18.43 -20.52 5.67
N GLY B 233 -19.75 -20.43 5.51
CA GLY B 233 -20.69 -21.33 6.19
C GLY B 233 -20.38 -22.80 5.93
N SER B 234 -20.02 -23.09 4.68
CA SER B 234 -19.67 -24.43 4.26
C SER B 234 -18.61 -25.06 5.15
N LEU B 235 -17.76 -24.23 5.76
CA LEU B 235 -16.72 -24.75 6.65
C LEU B 235 -17.12 -24.66 8.12
N THR B 236 -17.91 -23.65 8.47
CA THR B 236 -18.07 -23.25 9.86
C THR B 236 -19.33 -23.76 10.54
N SER B 237 -20.39 -24.00 9.76
CA SER B 237 -21.71 -24.35 10.31
C SER B 237 -21.70 -25.60 11.19
N GLN B 238 -22.73 -25.74 12.01
CA GLN B 238 -22.89 -26.93 12.85
C GLN B 238 -23.13 -28.14 11.96
N PHE B 239 -24.01 -27.98 10.98
CA PHE B 239 -24.20 -28.96 9.91
C PHE B 239 -22.85 -29.50 9.43
N SER B 240 -21.94 -28.58 9.10
CA SER B 240 -20.59 -28.92 8.63
C SER B 240 -19.76 -29.66 9.67
N TYR B 241 -20.06 -29.43 10.95
CA TYR B 241 -19.38 -30.13 12.03
C TYR B 241 -19.75 -31.61 12.06
N VAL B 242 -21.04 -31.89 11.90
CA VAL B 242 -21.55 -33.26 11.97
C VAL B 242 -20.98 -34.11 10.85
N VAL B 243 -20.99 -33.55 9.64
CA VAL B 243 -20.52 -34.22 8.45
C VAL B 243 -19.01 -34.42 8.51
N GLY B 244 -18.32 -33.44 9.07
CA GLY B 244 -16.87 -33.50 9.20
C GLY B 244 -16.43 -34.51 10.23
N ARG B 245 -17.22 -34.61 11.30
CA ARG B 245 -16.97 -35.56 12.38
C ARG B 245 -17.20 -36.98 11.87
N SER B 246 -18.35 -37.18 11.23
CA SER B 246 -18.72 -38.44 10.63
C SER B 246 -17.58 -39.03 9.81
N ALA B 247 -17.05 -38.22 8.89
CA ALA B 247 -15.99 -38.66 7.99
C ALA B 247 -14.69 -38.99 8.72
N LEU B 248 -14.42 -38.25 9.78
CA LEU B 248 -13.25 -38.48 10.62
C LEU B 248 -13.41 -39.68 11.56
N ARG B 249 -14.63 -40.22 11.63
CA ARG B 249 -14.98 -41.32 12.54
C ARG B 249 -15.36 -42.60 11.78
N SER B 250 -15.52 -42.49 10.47
CA SER B 250 -15.95 -43.61 9.66
C SER B 250 -14.80 -44.59 9.42
N THR B 251 -15.13 -45.87 9.46
CA THR B 251 -14.19 -46.96 9.13
C THR B 251 -14.11 -47.15 7.61
N THR B 252 -15.13 -46.65 6.90
CA THR B 252 -15.19 -46.69 5.45
C THR B 252 -14.56 -45.44 4.82
N GLY B 253 -13.81 -44.68 5.62
CA GLY B 253 -13.06 -43.50 5.15
C GLY B 253 -13.84 -42.20 4.99
N GLN B 254 -15.16 -42.31 4.83
CA GLN B 254 -16.03 -41.17 4.54
C GLN B 254 -17.36 -41.22 5.31
N ALA B 255 -18.08 -40.10 5.28
CA ALA B 255 -19.36 -39.96 5.97
C ALA B 255 -20.48 -40.68 5.24
N ARG B 256 -21.59 -40.95 5.94
CA ARG B 256 -22.84 -41.35 5.24
C ARG B 256 -24.11 -40.93 6.00
N SER B 257 -25.21 -40.87 5.24
CA SER B 257 -26.47 -40.22 5.64
C SER B 257 -27.04 -40.57 7.02
N ALA B 258 -26.54 -41.65 7.63
CA ALA B 258 -27.03 -42.10 8.93
C ALA B 258 -26.62 -41.15 10.06
N ASP B 259 -25.51 -40.44 9.87
CA ASP B 259 -24.96 -39.57 10.91
C ASP B 259 -25.53 -38.15 10.91
N TYR B 260 -26.22 -37.76 9.83
CA TYR B 260 -26.76 -36.40 9.68
C TYR B 260 -28.14 -36.38 9.03
N GLY B 261 -28.99 -35.49 9.51
CA GLY B 261 -30.35 -35.38 8.98
C GLY B 261 -30.92 -33.98 9.09
N ILE B 262 -32.23 -33.86 8.86
CA ILE B 262 -32.90 -32.56 8.79
C ILE B 262 -32.78 -31.75 10.09
N THR B 263 -32.54 -32.43 11.20
CA THR B 263 -32.37 -31.75 12.50
C THR B 263 -30.98 -31.14 12.66
N ASP B 264 -30.04 -31.55 11.81
CA ASP B 264 -28.70 -30.97 11.78
C ASP B 264 -28.59 -29.82 10.77
N CYS B 265 -29.73 -29.38 10.23
CA CYS B 265 -29.78 -28.25 9.32
C CYS B 265 -29.54 -26.93 10.06
N ASN B 266 -28.35 -26.81 10.66
CA ASN B 266 -27.98 -25.60 11.38
C ASN B 266 -26.91 -24.80 10.63
N PRO B 267 -27.34 -23.68 10.01
CA PRO B 267 -26.46 -22.90 9.13
C PRO B 267 -25.45 -22.06 9.92
N LEU B 268 -25.84 -21.66 11.13
CA LEU B 268 -25.00 -20.83 12.00
C LEU B 268 -23.80 -21.63 12.47
N PRO B 269 -22.75 -20.94 12.98
CA PRO B 269 -21.51 -21.62 13.36
C PRO B 269 -21.71 -22.73 14.40
N ALA B 270 -20.74 -23.64 14.46
CA ALA B 270 -20.83 -24.83 15.31
C ALA B 270 -21.20 -24.49 16.76
N ASN B 271 -22.18 -25.22 17.27
CA ASN B 271 -22.68 -25.02 18.64
C ASN B 271 -21.64 -25.29 19.71
N ASP B 272 -20.67 -26.14 19.39
CA ASP B 272 -19.60 -26.49 20.32
C ASP B 272 -18.55 -25.39 20.51
N LEU B 273 -18.62 -24.35 19.67
CA LEU B 273 -17.68 -23.22 19.71
C LEU B 273 -18.09 -22.16 20.72
N THR B 274 -17.10 -21.46 21.29
CA THR B 274 -17.36 -20.37 22.24
C THR B 274 -18.05 -19.19 21.53
N PRO B 275 -18.80 -18.37 22.28
CA PRO B 275 -19.46 -17.21 21.66
C PRO B 275 -18.49 -16.35 20.85
N GLU B 276 -17.28 -16.18 21.37
CA GLU B 276 -16.21 -15.47 20.68
C GLU B 276 -15.86 -16.17 19.37
N GLN B 277 -15.66 -17.48 19.45
CA GLN B 277 -15.32 -18.29 18.27
C GLN B 277 -16.46 -18.28 17.24
N LYS B 278 -17.69 -18.27 17.74
CA LYS B 278 -18.88 -18.23 16.88
C LYS B 278 -19.04 -16.88 16.16
N VAL B 279 -18.51 -15.82 16.75
CA VAL B 279 -18.48 -14.50 16.10
C VAL B 279 -17.31 -14.42 15.11
N ALA B 280 -16.16 -14.95 15.51
CA ALA B 280 -14.96 -14.99 14.67
C ALA B 280 -15.20 -15.82 13.41
N ALA B 281 -15.83 -16.98 13.58
CA ALA B 281 -16.10 -17.89 12.48
C ALA B 281 -17.10 -17.30 11.50
N ALA B 282 -18.05 -16.51 12.00
CA ALA B 282 -19.01 -15.85 11.13
C ALA B 282 -18.37 -14.79 10.22
N ALA B 283 -17.18 -14.31 10.61
CA ALA B 283 -16.49 -13.24 9.91
C ALA B 283 -15.21 -13.74 9.24
N LEU B 284 -15.17 -15.03 8.96
CA LEU B 284 -13.97 -15.68 8.41
C LEU B 284 -13.47 -15.02 7.13
N LEU B 285 -14.41 -14.52 6.33
CA LEU B 285 -14.13 -13.96 5.01
C LEU B 285 -13.42 -12.60 4.98
N ALA B 286 -13.64 -11.79 6.03
CA ALA B 286 -13.18 -10.41 6.03
C ALA B 286 -11.65 -10.28 5.96
N PRO B 287 -10.90 -11.04 6.79
CA PRO B 287 -9.46 -11.03 6.64
C PRO B 287 -9.02 -11.54 5.28
N ALA B 288 -9.75 -12.53 4.76
CA ALA B 288 -9.37 -13.17 3.50
C ALA B 288 -9.48 -12.19 2.35
N ALA B 289 -10.62 -11.50 2.29
CA ALA B 289 -10.83 -10.49 1.28
C ALA B 289 -9.74 -9.44 1.35
N ALA B 290 -9.43 -8.96 2.55
CA ALA B 290 -8.43 -7.91 2.76
C ALA B 290 -7.05 -8.37 2.28
N ALA B 291 -6.73 -9.64 2.53
CA ALA B 291 -5.48 -10.23 2.04
C ALA B 291 -5.36 -10.21 0.51
N ILE B 292 -6.49 -10.41 -0.17
CA ILE B 292 -6.52 -10.43 -1.63
C ILE B 292 -6.36 -9.00 -2.18
N VAL B 293 -7.08 -8.05 -1.58
CA VAL B 293 -6.99 -6.64 -1.97
C VAL B 293 -5.53 -6.17 -1.87
N ALA B 294 -4.87 -6.56 -0.78
CA ALA B 294 -3.49 -6.19 -0.54
C ALA B 294 -2.49 -7.13 -1.23
N GLY B 295 -2.97 -8.28 -1.69
CA GLY B 295 -2.08 -9.33 -2.19
C GLY B 295 -1.52 -9.08 -3.58
N PRO B 296 -0.70 -10.02 -4.08
CA PRO B 296 -0.12 -9.92 -5.42
C PRO B 296 -1.18 -9.93 -6.52
N LYS B 297 -0.80 -9.41 -7.69
CA LYS B 297 -1.70 -9.29 -8.82
C LYS B 297 -0.92 -9.42 -10.11
N GLN B 298 -1.46 -10.18 -11.06
CA GLN B 298 -0.82 -10.31 -12.36
C GLN B 298 -1.85 -10.51 -13.46
N ASN B 299 -1.39 -10.41 -14.71
CA ASN B 299 -2.26 -10.43 -15.87
C ASN B 299 -2.28 -11.77 -16.59
N CYS B 300 -1.80 -12.82 -15.93
CA CYS B 300 -1.74 -14.14 -16.54
C CYS B 300 -1.69 -15.25 -15.50
N GLU B 301 -2.11 -16.44 -15.92
CA GLU B 301 -2.08 -17.63 -15.10
C GLU B 301 -0.65 -18.17 -15.07
N PRO B 302 -0.15 -18.54 -13.88
CA PRO B 302 1.24 -19.01 -13.80
C PRO B 302 1.50 -20.24 -14.65
N ASP B 303 2.68 -20.31 -15.26
CA ASP B 303 3.09 -21.47 -16.04
C ASP B 303 2.97 -22.74 -15.20
N LEU B 304 2.54 -23.83 -15.84
CA LEU B 304 2.49 -25.13 -15.20
C LEU B 304 3.89 -25.73 -15.20
N MET B 305 4.23 -26.37 -14.09
CA MET B 305 5.52 -27.00 -13.94
C MET B 305 5.56 -28.24 -14.82
N PRO B 306 6.77 -28.66 -15.25
CA PRO B 306 6.89 -29.64 -16.32
C PRO B 306 6.17 -30.95 -16.04
N TYR B 307 5.88 -31.23 -14.78
CA TYR B 307 5.22 -32.48 -14.41
C TYR B 307 3.73 -32.45 -14.71
N ALA B 308 3.15 -31.26 -14.80
CA ALA B 308 1.70 -31.10 -15.03
C ALA B 308 1.40 -30.46 -16.38
N ARG B 309 2.39 -29.79 -16.94
CA ARG B 309 2.23 -29.02 -18.17
C ARG B 309 1.64 -29.79 -19.37
N PRO B 310 2.00 -31.08 -19.55
CA PRO B 310 1.45 -31.80 -20.72
C PRO B 310 -0.06 -32.09 -20.65
N PHE B 311 -0.63 -32.05 -19.45
CA PHE B 311 -2.06 -32.34 -19.29
C PHE B 311 -2.97 -31.15 -19.57
N ALA B 312 -2.39 -30.03 -19.99
CA ALA B 312 -3.18 -28.84 -20.34
C ALA B 312 -2.68 -28.20 -21.64
N VAL B 313 -2.43 -29.04 -22.63
CA VAL B 313 -2.06 -28.59 -23.98
C VAL B 313 -3.19 -27.72 -24.54
N GLY B 314 -2.81 -26.58 -25.11
CA GLY B 314 -3.77 -25.64 -25.69
C GLY B 314 -4.05 -24.41 -24.86
N LYS B 315 -3.89 -24.53 -23.53
CA LYS B 315 -4.18 -23.43 -22.62
C LYS B 315 -3.05 -22.43 -22.61
N ARG B 316 -3.39 -21.19 -22.31
CA ARG B 316 -2.41 -20.10 -22.25
C ARG B 316 -2.02 -19.80 -20.81
N THR B 317 -0.72 -19.75 -20.55
CA THR B 317 -0.23 -19.24 -19.28
C THR B 317 0.77 -18.12 -19.56
N CYS B 318 1.43 -17.62 -18.52
CA CYS B 318 2.28 -16.44 -18.64
C CYS B 318 3.31 -16.49 -19.78
N SER B 319 3.87 -17.67 -20.02
CA SER B 319 4.87 -17.81 -21.08
C SER B 319 4.27 -18.01 -22.46
N GLY B 320 2.98 -18.34 -22.53
CA GLY B 320 2.31 -18.56 -23.81
C GLY B 320 1.54 -19.85 -23.84
N ILE B 321 1.17 -20.28 -25.05
CA ILE B 321 0.38 -21.50 -25.24
C ILE B 321 1.26 -22.74 -25.05
N VAL B 322 0.72 -23.74 -24.35
CA VAL B 322 1.42 -25.00 -24.10
C VAL B 322 1.37 -25.94 -25.32
N THR B 323 2.51 -26.56 -25.64
CA THR B 323 2.62 -27.56 -26.72
C THR B 323 3.57 -28.68 -26.27
N PRO B 324 3.62 -29.81 -27.00
CA PRO B 324 4.57 -30.88 -26.65
C PRO B 324 6.05 -30.44 -26.73
N LEU C 8 -3.03 33.26 -19.08
CA LEU C 8 -3.41 32.97 -17.65
C LEU C 8 -4.92 33.21 -17.45
N PRO C 9 -5.59 32.33 -16.67
CA PRO C 9 -7.04 32.48 -16.38
C PRO C 9 -7.42 33.81 -15.70
N SER C 10 -8.71 34.12 -15.69
CA SER C 10 -9.19 35.40 -15.14
C SER C 10 -10.51 35.23 -14.36
N GLY C 11 -11.21 36.34 -14.13
CA GLY C 11 -12.47 36.32 -13.41
C GLY C 11 -12.26 36.23 -11.91
N SER C 12 -13.31 35.82 -11.20
CA SER C 12 -13.28 35.68 -9.74
C SER C 12 -12.30 34.62 -9.30
N ASP C 13 -11.94 34.68 -8.02
CA ASP C 13 -11.13 33.63 -7.41
C ASP C 13 -12.04 32.43 -7.16
N PRO C 14 -11.59 31.23 -7.54
CA PRO C 14 -12.35 30.05 -7.16
C PRO C 14 -12.48 29.92 -5.65
N ALA C 15 -13.60 29.39 -5.19
CA ALA C 15 -13.86 29.24 -3.76
C ALA C 15 -12.87 28.28 -3.13
N PHE C 16 -12.41 28.61 -1.92
CA PHE C 16 -11.56 27.70 -1.16
C PHE C 16 -12.37 26.49 -0.72
N SER C 17 -11.70 25.35 -0.57
CA SER C 17 -12.34 24.16 -0.03
C SER C 17 -12.23 24.15 1.49
N GLN C 18 -11.38 25.03 2.03
CA GLN C 18 -11.16 25.12 3.47
C GLN C 18 -11.83 26.36 4.01
N PRO C 19 -12.22 26.34 5.29
CA PRO C 19 -12.62 27.59 5.96
C PRO C 19 -11.44 28.53 6.16
N LYS C 20 -11.70 29.84 6.18
CA LYS C 20 -10.65 30.84 6.36
C LYS C 20 -9.89 30.59 7.66
N SER C 21 -10.63 30.31 8.73
CA SER C 21 -10.04 30.08 10.05
C SER C 21 -9.00 28.98 10.03
N VAL C 22 -9.28 27.93 9.25
CA VAL C 22 -8.34 26.82 9.06
C VAL C 22 -7.13 27.29 8.26
N LEU C 23 -7.35 28.16 7.28
CA LEU C 23 -6.27 28.70 6.46
C LEU C 23 -5.45 29.73 7.23
N ASP C 24 -6.13 30.46 8.12
CA ASP C 24 -5.46 31.39 9.03
C ASP C 24 -4.54 30.62 9.98
N ALA C 25 -5.05 29.50 10.50
CA ALA C 25 -4.33 28.71 11.50
C ALA C 25 -3.02 28.14 10.98
N GLY C 26 -2.83 28.19 9.66
CA GLY C 26 -1.60 27.72 9.03
C GLY C 26 -0.55 28.80 8.80
N LEU C 27 -0.93 30.05 9.09
CA LEU C 27 -0.07 31.21 8.85
C LEU C 27 0.48 31.80 10.14
N THR C 28 1.80 31.97 10.19
CA THR C 28 2.46 32.52 11.38
C THR C 28 3.64 33.43 11.01
N CYS C 29 3.71 34.60 11.66
CA CYS C 29 4.82 35.55 11.51
C CYS C 29 5.69 35.57 12.77
N GLN C 30 6.99 35.79 12.61
CA GLN C 30 7.89 35.83 13.76
C GLN C 30 7.82 37.16 14.48
N GLY C 31 7.20 37.16 15.65
CA GLY C 31 7.06 38.37 16.46
C GLY C 31 5.68 38.98 16.27
N ALA C 32 5.41 39.45 15.06
CA ALA C 32 4.18 40.18 14.78
C ALA C 32 2.99 39.26 14.54
N SER C 33 1.80 39.86 14.57
CA SER C 33 0.57 39.20 14.18
C SER C 33 0.41 39.35 12.67
N PRO C 34 -0.06 38.29 11.96
CA PRO C 34 -0.19 38.32 10.50
C PRO C 34 -0.97 39.53 9.96
N SER C 35 -2.07 39.88 10.62
CA SER C 35 -2.95 40.96 10.15
C SER C 35 -2.58 42.30 10.80
N SER C 36 -1.34 42.41 11.25
CA SER C 36 -0.84 43.65 11.84
C SER C 36 0.70 43.56 11.91
N VAL C 37 1.31 43.70 10.74
CA VAL C 37 2.74 43.45 10.54
C VAL C 37 3.27 44.49 9.54
N SER C 38 4.58 44.68 9.49
CA SER C 38 5.18 45.49 8.42
C SER C 38 6.47 44.87 7.89
N LYS C 39 6.74 45.10 6.61
CA LYS C 39 7.81 44.43 5.84
C LYS C 39 7.80 42.89 5.95
N PRO C 40 6.65 42.25 5.64
CA PRO C 40 6.53 40.82 5.77
C PRO C 40 6.92 40.05 4.51
N ILE C 41 7.73 39.01 4.70
CA ILE C 41 8.03 38.05 3.63
C ILE C 41 7.28 36.72 3.91
N LEU C 42 6.76 36.11 2.85
CA LEU C 42 6.02 34.87 2.96
C LEU C 42 6.86 33.68 2.52
N LEU C 43 6.93 32.68 3.40
CA LEU C 43 7.78 31.50 3.18
C LEU C 43 6.93 30.23 3.01
N VAL C 44 7.08 29.57 1.86
CA VAL C 44 6.32 28.36 1.56
C VAL C 44 7.24 27.14 1.57
N PRO C 45 6.99 26.19 2.50
CA PRO C 45 7.92 25.10 2.73
C PRO C 45 7.84 24.00 1.69
N GLY C 46 8.75 23.04 1.82
CA GLY C 46 8.87 21.93 0.87
C GLY C 46 8.07 20.72 1.28
N THR C 47 8.08 19.71 0.40
CA THR C 47 7.37 18.46 0.63
C THR C 47 7.94 17.76 1.86
N GLY C 48 7.05 17.47 2.81
CA GLY C 48 7.42 16.73 4.02
C GLY C 48 7.89 17.61 5.17
N THR C 49 7.56 18.90 5.11
CA THR C 49 8.02 19.85 6.13
C THR C 49 6.92 20.83 6.54
N THR C 50 7.05 21.37 7.75
CA THR C 50 6.31 22.54 8.15
C THR C 50 7.14 23.76 7.73
N GLY C 51 6.53 24.95 7.78
CA GLY C 51 7.25 26.21 7.55
C GLY C 51 8.56 26.31 8.32
N PRO C 52 8.51 26.19 9.67
CA PRO C 52 9.72 26.21 10.50
C PRO C 52 10.74 25.14 10.12
N GLN C 53 10.26 23.94 9.84
CA GLN C 53 11.12 22.79 9.55
C GLN C 53 11.96 22.99 8.29
N SER C 54 11.40 23.73 7.33
CA SER C 54 12.09 24.04 6.08
C SER C 54 13.02 25.25 6.24
N PHE C 55 12.63 26.20 7.08
CA PHE C 55 13.19 27.54 7.02
C PHE C 55 13.85 28.09 8.29
N ASP C 56 13.55 27.52 9.45
CA ASP C 56 14.11 28.07 10.69
C ASP C 56 15.64 27.94 10.77
N SER C 57 16.23 27.07 9.95
CA SER C 57 17.67 26.90 9.90
C SER C 57 18.31 27.62 8.72
N ASN C 58 17.51 28.44 8.02
CA ASN C 58 18.02 29.25 6.91
C ASN C 58 17.28 30.59 6.70
N TRP C 59 16.15 30.58 6.01
CA TRP C 59 15.55 31.82 5.52
C TRP C 59 14.65 32.54 6.49
N ILE C 60 14.39 31.92 7.63
CA ILE C 60 13.69 32.61 8.72
C ILE C 60 14.61 33.61 9.40
N PRO C 61 15.80 33.15 9.85
CA PRO C 61 16.76 34.13 10.38
C PRO C 61 17.35 35.06 9.31
N LEU C 62 17.68 34.51 8.14
CA LEU C 62 18.30 35.29 7.06
C LEU C 62 17.40 36.39 6.50
N SER C 63 16.10 36.29 6.71
CA SER C 63 15.17 37.30 6.21
C SER C 63 15.07 38.51 7.13
N THR C 64 15.35 38.33 8.41
CA THR C 64 15.40 39.48 9.34
C THR C 64 16.77 40.15 9.28
N GLN C 65 17.78 39.38 8.93
CA GLN C 65 19.08 39.93 8.58
C GLN C 65 18.99 40.86 7.35
N LEU C 66 17.80 40.93 6.76
CA LEU C 66 17.52 41.86 5.67
C LEU C 66 16.34 42.77 6.02
N GLY C 67 15.92 42.73 7.28
CA GLY C 67 14.88 43.65 7.77
C GLY C 67 13.43 43.21 7.58
N TYR C 68 13.22 41.96 7.16
CA TYR C 68 11.85 41.43 6.96
C TYR C 68 11.29 40.76 8.20
N THR C 69 9.98 40.84 8.35
CA THR C 69 9.28 39.97 9.26
C THR C 69 9.06 38.63 8.55
N PRO C 70 9.74 37.55 9.00
CA PRO C 70 9.50 36.28 8.33
C PRO C 70 8.14 35.69 8.71
N CYS C 71 7.34 35.39 7.69
CA CYS C 71 6.08 34.68 7.87
C CYS C 71 6.09 33.41 7.03
N TRP C 72 5.31 32.43 7.43
CA TRP C 72 5.27 31.14 6.76
C TRP C 72 3.93 30.52 6.87
N ILE C 73 3.65 29.60 5.94
CA ILE C 73 2.52 28.68 6.06
C ILE C 73 3.04 27.28 6.39
N SER C 74 2.18 26.48 7.00
CA SER C 74 2.49 25.07 7.27
C SER C 74 1.27 24.22 6.98
N PRO C 75 0.92 24.09 5.68
CA PRO C 75 -0.26 23.32 5.34
C PRO C 75 -0.09 21.87 5.82
N PRO C 76 -1.07 21.35 6.58
CA PRO C 76 -0.97 19.96 7.04
C PRO C 76 -1.46 18.97 5.98
N PRO C 77 -0.92 17.74 5.97
CA PRO C 77 0.13 17.36 6.91
C PRO C 77 1.52 17.40 6.26
N PHE C 78 2.39 18.26 6.77
CA PHE C 78 3.74 18.40 6.25
C PHE C 78 3.77 18.51 4.73
N MET C 79 2.88 19.32 4.17
CA MET C 79 2.81 19.53 2.70
C MET C 79 2.52 18.27 1.88
N LEU C 80 2.05 17.20 2.52
CA LEU C 80 1.84 15.94 1.82
C LEU C 80 0.47 15.84 1.19
N ASN C 81 -0.48 16.64 1.70
CA ASN C 81 -1.82 16.68 1.15
C ASN C 81 -1.89 17.39 -0.18
N ASP C 82 -3.06 17.33 -0.82
CA ASP C 82 -3.37 18.03 -2.07
C ASP C 82 -2.65 19.37 -2.20
N THR C 83 -1.86 19.49 -3.27
CA THR C 83 -1.16 20.74 -3.58
C THR C 83 -2.17 21.89 -3.80
N GLN C 84 -3.35 21.55 -4.31
CA GLN C 84 -4.41 22.52 -4.50
C GLN C 84 -4.87 23.10 -3.16
N VAL C 85 -4.84 22.28 -2.11
CA VAL C 85 -5.19 22.73 -0.78
C VAL C 85 -4.01 23.47 -0.18
N ASN C 86 -2.82 22.93 -0.38
CA ASN C 86 -1.61 23.60 0.04
C ASN C 86 -1.57 25.04 -0.48
N THR C 87 -2.06 25.22 -1.71
CA THR C 87 -2.09 26.54 -2.33
C THR C 87 -3.09 27.48 -1.67
N GLU C 88 -4.21 26.94 -1.22
CA GLU C 88 -5.20 27.74 -0.50
C GLU C 88 -4.57 28.49 0.68
N TYR C 89 -3.58 27.88 1.31
CA TYR C 89 -2.88 28.50 2.43
C TYR C 89 -2.04 29.68 1.95
N MET C 90 -1.42 29.54 0.78
CA MET C 90 -0.58 30.59 0.23
C MET C 90 -1.43 31.78 -0.25
N VAL C 91 -2.51 31.48 -0.97
CA VAL C 91 -3.45 32.48 -1.43
C VAL C 91 -4.05 33.26 -0.26
N ASN C 92 -4.53 32.54 0.75
CA ASN C 92 -5.14 33.19 1.92
C ASN C 92 -4.13 33.97 2.74
N ALA C 93 -2.87 33.53 2.71
CA ALA C 93 -1.81 34.23 3.41
C ALA C 93 -1.60 35.60 2.78
N ILE C 94 -1.36 35.63 1.48
CA ILE C 94 -1.11 36.88 0.74
C ILE C 94 -2.27 37.88 0.87
N THR C 95 -3.50 37.37 0.85
CA THR C 95 -4.69 38.22 1.06
C THR C 95 -4.79 38.74 2.51
N ALA C 96 -4.38 37.93 3.49
CA ALA C 96 -4.35 38.33 4.88
C ALA C 96 -3.18 39.28 5.16
N LEU C 97 -2.04 39.03 4.52
CA LEU C 97 -0.80 39.80 4.77
C LEU C 97 -0.80 41.15 4.08
N TYR C 98 -1.55 41.26 2.98
CA TYR C 98 -1.69 42.51 2.24
C TYR C 98 -2.26 43.57 3.16
N ALA C 99 -3.51 43.38 3.59
CA ALA C 99 -4.19 44.31 4.50
C ALA C 99 -3.48 44.41 5.85
N GLY C 100 -2.84 43.33 6.26
CA GLY C 100 -2.12 43.29 7.52
C GLY C 100 -0.86 44.14 7.53
N SER C 101 -0.34 44.45 6.34
CA SER C 101 0.83 45.28 6.20
C SER C 101 0.53 46.61 5.47
N GLY C 102 -0.72 47.05 5.54
CA GLY C 102 -1.15 48.30 4.91
C GLY C 102 -1.18 48.22 3.40
N ASN C 103 -2.06 47.35 2.88
CA ASN C 103 -2.22 47.11 1.45
C ASN C 103 -0.91 47.16 0.65
N ASN C 104 0.11 46.54 1.21
CA ASN C 104 1.44 46.50 0.60
C ASN C 104 1.75 45.18 -0.06
N LYS C 105 2.26 45.26 -1.29
CA LYS C 105 2.73 44.07 -1.99
C LYS C 105 3.91 43.49 -1.24
N LEU C 106 3.97 42.17 -1.18
CA LEU C 106 4.95 41.45 -0.37
C LEU C 106 5.68 40.39 -1.18
N PRO C 107 6.95 40.13 -0.85
CA PRO C 107 7.70 39.11 -1.56
C PRO C 107 7.36 37.68 -1.09
N VAL C 108 7.62 36.69 -1.95
CA VAL C 108 7.36 35.28 -1.65
C VAL C 108 8.60 34.44 -1.94
N LEU C 109 9.08 33.74 -0.91
CA LEU C 109 10.26 32.91 -1.02
C LEU C 109 9.84 31.48 -0.74
N THR C 110 10.32 30.53 -1.56
CA THR C 110 9.82 29.16 -1.53
C THR C 110 10.89 28.11 -1.74
N TRP C 111 10.61 26.90 -1.27
CA TRP C 111 11.47 25.74 -1.52
C TRP C 111 10.68 24.62 -2.12
N SER C 112 11.29 23.88 -3.07
CA SER C 112 10.70 22.66 -3.65
C SER C 112 9.24 22.89 -4.08
N GLN C 113 8.31 22.14 -3.51
CA GLN C 113 6.90 22.26 -3.83
C GLN C 113 6.34 23.67 -3.59
N GLY C 114 6.90 24.36 -2.60
CA GLY C 114 6.53 25.75 -2.33
C GLY C 114 6.52 26.59 -3.59
N GLY C 115 7.43 26.32 -4.51
CA GLY C 115 7.47 27.02 -5.79
C GLY C 115 6.28 26.69 -6.66
N LEU C 116 6.06 25.40 -6.84
CA LEU C 116 4.90 24.89 -7.58
C LEU C 116 3.58 25.43 -6.99
N VAL C 117 3.51 25.48 -5.66
CA VAL C 117 2.36 26.06 -4.97
C VAL C 117 2.18 27.52 -5.34
N ALA C 118 3.27 28.28 -5.31
CA ALA C 118 3.25 29.70 -5.63
C ALA C 118 2.72 29.96 -7.04
N GLN C 119 3.33 29.31 -8.03
CA GLN C 119 2.92 29.48 -9.41
C GLN C 119 1.49 28.97 -9.64
N TRP C 120 1.09 27.97 -8.86
CA TRP C 120 -0.26 27.44 -8.95
C TRP C 120 -1.28 28.49 -8.57
N GLY C 121 -1.08 29.10 -7.41
CA GLY C 121 -1.95 30.16 -6.92
C GLY C 121 -1.99 31.34 -7.89
N LEU C 122 -0.80 31.78 -8.30
CA LEU C 122 -0.65 32.88 -9.25
C LEU C 122 -1.42 32.63 -10.53
N THR C 123 -1.39 31.40 -11.01
CA THR C 123 -2.08 31.07 -12.26
C THR C 123 -3.59 31.12 -12.10
N PHE C 124 -4.11 30.48 -11.05
CA PHE C 124 -5.54 30.23 -10.96
C PHE C 124 -6.27 31.14 -9.99
N PHE C 125 -5.52 31.92 -9.23
CA PHE C 125 -6.13 32.89 -8.32
C PHE C 125 -5.67 34.29 -8.73
N PRO C 126 -6.44 34.96 -9.61
CA PRO C 126 -6.06 36.27 -10.13
C PRO C 126 -5.80 37.32 -9.03
N SER C 127 -6.68 37.37 -8.04
CA SER C 127 -6.69 38.45 -7.05
C SER C 127 -5.37 38.66 -6.33
N ILE C 128 -4.50 37.65 -6.37
CA ILE C 128 -3.21 37.75 -5.68
C ILE C 128 -2.09 38.23 -6.60
N ARG C 129 -2.35 38.26 -7.90
CA ARG C 129 -1.34 38.68 -8.86
C ARG C 129 -0.90 40.13 -8.61
N SER C 130 -1.88 40.97 -8.25
CA SER C 130 -1.65 42.38 -7.94
C SER C 130 -1.34 42.59 -6.44
N LYS C 131 -0.87 41.53 -5.77
CA LYS C 131 -0.56 41.60 -4.33
C LYS C 131 0.76 40.95 -3.99
N VAL C 132 1.37 40.29 -4.96
CA VAL C 132 2.65 39.65 -4.76
C VAL C 132 3.69 40.51 -5.46
N ASP C 133 4.60 41.06 -4.66
CA ASP C 133 5.67 41.90 -5.18
C ASP C 133 6.57 41.08 -6.11
N ARG C 134 7.08 39.96 -5.61
CA ARG C 134 7.97 39.10 -6.38
C ARG C 134 7.94 37.65 -5.88
N LEU C 135 8.66 36.77 -6.57
CA LEU C 135 8.76 35.37 -6.19
C LEU C 135 10.19 34.86 -6.33
N MET C 136 10.73 34.36 -5.22
CA MET C 136 12.04 33.75 -5.21
C MET C 136 11.88 32.26 -4.90
N ALA C 137 12.04 31.42 -5.92
CA ALA C 137 11.81 30.00 -5.81
C ALA C 137 13.09 29.18 -5.86
N PHE C 138 13.34 28.43 -4.79
CA PHE C 138 14.49 27.55 -4.74
C PHE C 138 14.09 26.13 -5.10
N ALA C 139 14.78 25.56 -6.08
CA ALA C 139 14.53 24.21 -6.60
C ALA C 139 13.04 23.90 -6.86
N PRO C 140 12.31 24.84 -7.48
CA PRO C 140 10.90 24.59 -7.76
C PRO C 140 10.70 23.54 -8.85
N ASP C 141 9.61 22.78 -8.75
CA ASP C 141 9.37 21.65 -9.65
C ASP C 141 8.09 21.85 -10.47
N TYR C 142 8.09 22.91 -11.28
CA TYR C 142 6.91 23.32 -12.04
C TYR C 142 6.46 22.25 -13.04
N LYS C 143 7.41 21.41 -13.47
CA LYS C 143 7.11 20.30 -14.38
C LYS C 143 7.19 18.97 -13.64
N GLY C 144 7.12 19.03 -12.31
CA GLY C 144 7.23 17.85 -11.49
C GLY C 144 8.62 17.23 -11.55
N THR C 145 8.71 15.95 -11.22
CA THR C 145 9.97 15.22 -11.29
C THR C 145 9.71 13.80 -11.74
N VAL C 146 10.62 13.28 -12.54
CA VAL C 146 10.53 11.89 -12.99
C VAL C 146 10.92 10.96 -11.85
N LEU C 147 11.56 11.53 -10.82
CA LEU C 147 12.15 10.73 -9.75
C LEU C 147 11.14 10.19 -8.75
N ALA C 148 9.89 10.60 -8.91
CA ALA C 148 8.79 10.13 -8.06
C ALA C 148 8.22 8.82 -8.60
N GLY C 149 8.68 8.42 -9.78
CA GLY C 149 8.20 7.22 -10.45
C GLY C 149 8.19 6.00 -9.56
N PRO C 150 9.34 5.70 -8.91
CA PRO C 150 9.39 4.52 -8.08
C PRO C 150 8.40 4.54 -6.91
N LEU C 151 8.27 5.68 -6.22
CA LEU C 151 7.23 5.83 -5.18
C LEU C 151 5.84 5.54 -5.77
N ASP C 152 5.56 6.13 -6.93
CA ASP C 152 4.26 5.98 -7.58
C ASP C 152 3.98 4.54 -7.96
N ALA C 153 4.98 3.89 -8.55
CA ALA C 153 4.87 2.49 -8.99
C ALA C 153 4.59 1.54 -7.84
N LEU C 154 5.06 1.88 -6.66
CA LEU C 154 4.80 1.07 -5.47
C LEU C 154 3.53 1.53 -4.75
N ALA C 155 2.83 2.49 -5.35
CA ALA C 155 1.58 3.00 -4.79
C ALA C 155 1.68 3.39 -3.32
N VAL C 156 2.80 4.02 -2.97
CA VAL C 156 2.99 4.54 -1.60
C VAL C 156 3.25 6.04 -1.62
N SER C 157 2.72 6.72 -2.64
CA SER C 157 2.93 8.16 -2.79
C SER C 157 1.82 8.99 -2.14
N ALA C 158 2.23 10.01 -1.39
CA ALA C 158 1.31 10.99 -0.83
C ALA C 158 0.64 11.79 -1.94
N PRO C 159 -0.52 12.40 -1.65
CA PRO C 159 -1.23 13.21 -2.60
C PRO C 159 -0.33 14.17 -3.38
N SER C 160 0.53 14.91 -2.69
CA SER C 160 1.36 15.89 -3.39
C SER C 160 2.50 15.22 -4.14
N VAL C 161 2.93 14.05 -3.69
CA VAL C 161 3.97 13.33 -4.40
C VAL C 161 3.44 12.86 -5.75
N TRP C 162 2.20 12.40 -5.80
CA TRP C 162 1.58 12.06 -7.08
C TRP C 162 1.58 13.26 -7.98
N GLN C 163 1.23 14.40 -7.40
CA GLN C 163 1.00 15.61 -8.16
C GLN C 163 2.31 16.24 -8.64
N GLN C 164 3.40 15.91 -7.95
CA GLN C 164 4.72 16.39 -8.31
C GLN C 164 5.48 15.40 -9.22
N THR C 165 4.77 14.45 -9.79
CA THR C 165 5.35 13.55 -10.76
C THR C 165 5.24 14.18 -12.16
N THR C 166 6.32 14.07 -12.95
CA THR C 166 6.27 14.53 -14.33
C THR C 166 5.13 13.85 -15.07
N GLY C 167 4.35 14.63 -15.79
CA GLY C 167 3.23 14.09 -16.54
C GLY C 167 1.95 13.93 -15.71
N SER C 168 1.99 14.35 -14.45
CA SER C 168 0.81 14.30 -13.57
C SER C 168 -0.27 15.22 -14.09
N ALA C 169 -1.49 15.02 -13.60
CA ALA C 169 -2.64 15.85 -14.01
C ALA C 169 -2.50 17.29 -13.55
N LEU C 170 -1.91 17.48 -12.38
CA LEU C 170 -1.67 18.81 -11.83
C LEU C 170 -0.67 19.56 -12.67
N THR C 171 0.49 18.96 -12.93
CA THR C 171 1.54 19.63 -13.70
C THR C 171 1.07 19.87 -15.12
N THR C 172 0.30 18.92 -15.66
CA THR C 172 -0.30 19.08 -16.98
C THR C 172 -1.18 20.32 -16.98
N ALA C 173 -2.04 20.42 -15.97
CA ALA C 173 -2.94 21.55 -15.85
C ALA C 173 -2.17 22.88 -15.76
N LEU C 174 -1.10 22.89 -14.96
CA LEU C 174 -0.30 24.09 -14.82
C LEU C 174 0.29 24.53 -16.15
N ARG C 175 0.84 23.58 -16.91
CA ARG C 175 1.41 23.87 -18.22
C ARG C 175 0.36 24.43 -19.18
N ASN C 176 -0.79 23.77 -19.27
CA ASN C 176 -1.81 24.12 -20.25
C ASN C 176 -2.58 25.38 -19.93
N ALA C 177 -2.39 25.93 -18.73
CA ALA C 177 -3.07 27.16 -18.32
C ALA C 177 -2.15 28.37 -18.41
N GLY C 178 -0.94 28.16 -18.94
CA GLY C 178 0.04 29.23 -19.13
C GLY C 178 1.00 29.40 -17.97
N GLY C 179 0.96 28.47 -17.03
CA GLY C 179 1.68 28.60 -15.77
C GLY C 179 3.17 28.40 -15.85
N LEU C 180 3.66 27.98 -17.01
CA LEU C 180 5.10 27.82 -17.20
C LEU C 180 5.79 29.12 -17.68
N THR C 181 5.01 30.20 -17.70
CA THR C 181 5.52 31.54 -17.95
C THR C 181 5.32 32.37 -16.68
N GLN C 182 6.40 32.98 -16.21
CA GLN C 182 6.40 33.83 -15.02
C GLN C 182 5.22 34.81 -15.01
N ILE C 183 4.58 34.96 -13.85
CA ILE C 183 3.45 35.87 -13.70
C ILE C 183 3.82 37.13 -12.92
N VAL C 184 4.65 36.98 -11.89
CA VAL C 184 5.24 38.10 -11.17
C VAL C 184 6.74 37.92 -11.27
N PRO C 185 7.51 39.00 -11.07
CA PRO C 185 8.94 38.86 -11.30
C PRO C 185 9.51 37.70 -10.48
N THR C 186 10.09 36.73 -11.17
CA THR C 186 10.44 35.45 -10.56
C THR C 186 11.90 35.09 -10.76
N THR C 187 12.51 34.57 -9.70
CA THR C 187 13.89 34.09 -9.74
C THR C 187 13.94 32.60 -9.37
N ASN C 188 14.49 31.77 -10.25
CA ASN C 188 14.51 30.34 -10.04
C ASN C 188 15.92 29.78 -9.91
N LEU C 189 16.39 29.68 -8.68
CA LEU C 189 17.68 29.07 -8.40
C LEU C 189 17.49 27.56 -8.36
N TYR C 190 18.27 26.82 -9.15
CA TYR C 190 18.24 25.36 -9.10
C TYR C 190 19.57 24.71 -9.48
N SER C 191 19.59 23.39 -9.56
CA SER C 191 20.83 22.66 -9.81
C SER C 191 20.63 21.36 -10.58
N ALA C 192 21.59 21.04 -11.44
CA ALA C 192 21.55 19.86 -12.30
C ALA C 192 21.81 18.58 -11.53
N THR C 193 22.38 18.73 -10.34
CA THR C 193 22.75 17.57 -9.53
C THR C 193 21.63 17.20 -8.56
N ASP C 194 20.51 17.89 -8.67
CA ASP C 194 19.34 17.64 -7.82
C ASP C 194 18.95 16.16 -7.85
N GLU C 195 18.83 15.56 -6.67
CA GLU C 195 18.52 14.13 -6.50
C GLU C 195 17.03 13.88 -6.20
N ILE C 196 16.26 14.97 -6.15
CA ILE C 196 14.82 14.93 -5.92
C ILE C 196 14.09 15.31 -7.20
N VAL C 197 14.51 16.41 -7.82
CA VAL C 197 13.89 16.95 -9.03
C VAL C 197 14.77 16.78 -10.28
N GLN C 198 14.23 16.08 -11.27
CA GLN C 198 14.80 15.98 -12.60
C GLN C 198 13.65 15.92 -13.61
N PRO C 199 13.85 16.42 -14.85
CA PRO C 199 15.10 16.93 -15.42
C PRO C 199 15.39 18.39 -15.10
N GLN C 200 16.64 18.66 -14.69
CA GLN C 200 17.08 20.01 -14.34
C GLN C 200 18.42 20.33 -15.00
N VAL C 201 18.81 19.50 -15.96
CA VAL C 201 20.17 19.49 -16.50
C VAL C 201 20.42 20.43 -17.68
N SER C 202 19.50 20.47 -18.64
CA SER C 202 19.78 21.09 -19.93
C SER C 202 20.03 22.60 -19.88
N ASN C 203 19.76 23.23 -18.74
CA ASN C 203 19.92 24.69 -18.58
C ASN C 203 19.08 25.47 -19.60
N SER C 204 17.86 25.01 -19.84
CA SER C 204 16.94 25.62 -20.80
C SER C 204 15.51 25.48 -20.25
N PRO C 205 14.51 25.77 -21.08
CA PRO C 205 13.12 25.45 -20.72
C PRO C 205 12.77 23.96 -20.60
N LEU C 206 13.66 23.05 -20.99
CA LEU C 206 13.49 21.61 -20.72
C LEU C 206 13.64 21.27 -19.23
N ASP C 207 13.89 22.28 -18.41
CA ASP C 207 14.12 22.10 -16.97
C ASP C 207 12.89 22.39 -16.15
N SER C 208 12.72 21.60 -15.08
CA SER C 208 11.52 21.66 -14.25
C SER C 208 11.38 22.99 -13.50
N SER C 209 12.50 23.67 -13.26
CA SER C 209 12.51 24.93 -12.52
C SER C 209 12.35 26.18 -13.41
N TYR C 210 12.50 26.00 -14.71
CA TYR C 210 12.47 27.12 -15.65
C TYR C 210 11.04 27.68 -15.86
N LEU C 211 10.92 28.99 -15.69
CA LEU C 211 9.72 29.72 -16.11
C LEU C 211 10.12 30.75 -17.17
N PHE C 212 9.35 30.82 -18.25
CA PHE C 212 9.62 31.80 -19.31
C PHE C 212 9.47 33.22 -18.74
N ASN C 213 10.36 34.11 -19.16
CA ASN C 213 10.40 35.52 -18.70
C ASN C 213 10.95 35.72 -17.30
N GLY C 214 11.41 34.63 -16.67
CA GLY C 214 11.93 34.70 -15.32
C GLY C 214 13.42 34.46 -15.21
N LYS C 215 14.01 34.93 -14.12
CA LYS C 215 15.43 34.80 -13.89
C LYS C 215 15.77 33.35 -13.54
N ASN C 216 16.37 32.64 -14.50
CA ASN C 216 16.61 31.21 -14.34
C ASN C 216 18.08 30.85 -14.10
N VAL C 217 18.42 30.62 -12.85
CA VAL C 217 19.81 30.39 -12.43
C VAL C 217 20.09 28.92 -12.10
N GLN C 218 20.64 28.19 -13.05
CA GLN C 218 21.18 26.88 -12.76
C GLN C 218 22.61 27.11 -12.25
N ALA C 219 22.93 26.52 -11.11
CA ALA C 219 24.21 26.75 -10.44
C ALA C 219 25.43 26.34 -11.27
N GLN C 220 25.29 25.29 -12.08
CA GLN C 220 26.42 24.79 -12.89
C GLN C 220 26.72 25.73 -14.06
N ALA C 221 25.87 26.74 -14.25
CA ALA C 221 26.07 27.76 -15.27
C ALA C 221 26.85 28.95 -14.73
N VAL C 222 26.99 29.02 -13.41
CA VAL C 222 27.70 30.11 -12.75
C VAL C 222 28.91 29.57 -11.97
N CYS C 223 29.01 28.26 -11.81
CA CYS C 223 30.16 27.63 -11.16
C CYS C 223 30.64 26.39 -11.92
N GLY C 224 30.15 26.20 -13.14
CA GLY C 224 30.68 25.17 -14.01
C GLY C 224 30.29 23.74 -13.66
N PRO C 225 30.49 22.82 -14.61
CA PRO C 225 30.10 21.40 -14.54
C PRO C 225 30.46 20.69 -13.25
N LEU C 226 31.48 21.17 -12.56
CA LEU C 226 31.99 20.51 -11.36
C LEU C 226 31.12 20.73 -10.11
N PHE C 227 30.37 21.84 -10.10
CA PHE C 227 29.72 22.31 -8.90
C PHE C 227 28.45 21.54 -8.53
N VAL C 228 28.49 20.88 -7.36
CA VAL C 228 27.41 20.04 -6.90
C VAL C 228 26.70 20.65 -5.70
N ILE C 229 25.42 20.98 -5.87
CA ILE C 229 24.52 21.25 -4.76
C ILE C 229 23.25 20.44 -4.98
N ASP C 230 22.86 19.67 -3.97
CA ASP C 230 21.66 18.82 -4.09
C ASP C 230 20.39 19.64 -3.84
N HIS C 231 19.26 18.95 -3.80
CA HIS C 231 17.96 19.61 -3.65
C HIS C 231 17.89 20.52 -2.45
N ALA C 232 18.45 20.06 -1.35
CA ALA C 232 18.42 20.82 -0.10
C ALA C 232 19.38 22.00 -0.18
N GLY C 233 20.60 21.72 -0.62
CA GLY C 233 21.60 22.77 -0.80
C GLY C 233 21.08 23.93 -1.61
N SER C 234 20.22 23.62 -2.59
CA SER C 234 19.65 24.63 -3.46
C SER C 234 18.94 25.74 -2.71
N LEU C 235 18.49 25.46 -1.49
CA LEU C 235 17.80 26.44 -0.66
C LEU C 235 18.73 27.11 0.35
N THR C 236 19.68 26.31 0.86
CA THR C 236 20.45 26.69 2.05
C THR C 236 21.81 27.34 1.78
N SER C 237 22.50 26.88 0.72
CA SER C 237 23.89 27.27 0.41
C SER C 237 24.11 28.79 0.39
N GLN C 238 25.34 29.21 0.69
CA GLN C 238 25.73 30.62 0.67
C GLN C 238 25.51 31.20 -0.73
N PHE C 239 25.79 30.40 -1.76
CA PHE C 239 25.39 30.74 -3.11
C PHE C 239 23.92 31.16 -3.13
N SER C 240 23.06 30.27 -2.64
CA SER C 240 21.62 30.49 -2.61
C SER C 240 21.23 31.74 -1.81
N TYR C 241 22.07 32.13 -0.86
CA TYR C 241 21.84 33.35 -0.07
C TYR C 241 22.05 34.64 -0.89
N VAL C 242 23.14 34.69 -1.66
CA VAL C 242 23.47 35.89 -2.43
C VAL C 242 22.39 36.15 -3.49
N VAL C 243 22.00 35.08 -4.15
CA VAL C 243 20.94 35.13 -5.16
C VAL C 243 19.64 35.55 -4.49
N GLY C 244 19.37 35.00 -3.31
CA GLY C 244 18.18 35.34 -2.54
C GLY C 244 18.18 36.79 -2.08
N ARG C 245 19.35 37.24 -1.58
CA ARG C 245 19.53 38.62 -1.13
C ARG C 245 19.30 39.57 -2.30
N SER C 246 19.85 39.22 -3.45
CA SER C 246 19.68 40.00 -4.67
C SER C 246 18.22 40.15 -5.03
N ALA C 247 17.56 39.03 -5.31
CA ALA C 247 16.18 39.01 -5.79
C ALA C 247 15.25 39.82 -4.91
N LEU C 248 15.46 39.75 -3.60
CA LEU C 248 14.59 40.42 -2.63
C LEU C 248 14.74 41.94 -2.64
N ARG C 249 15.98 42.41 -2.86
CA ARG C 249 16.29 43.84 -2.77
C ARG C 249 16.09 44.60 -4.08
N SER C 250 16.34 43.92 -5.20
CA SER C 250 16.30 44.52 -6.54
C SER C 250 15.04 45.35 -6.83
N THR C 251 15.16 46.30 -7.73
CA THR C 251 14.06 47.18 -8.15
C THR C 251 13.21 46.55 -9.26
N THR C 252 13.77 45.57 -9.96
CA THR C 252 13.02 44.81 -10.96
C THR C 252 12.03 43.80 -10.33
N GLY C 253 12.48 43.11 -9.29
CA GLY C 253 11.77 41.99 -8.68
C GLY C 253 12.50 40.67 -8.89
N GLN C 254 13.49 40.69 -9.77
CA GLN C 254 14.31 39.53 -10.09
C GLN C 254 15.74 39.76 -9.64
N ALA C 255 16.47 38.67 -9.42
CA ALA C 255 17.88 38.75 -9.06
C ALA C 255 18.68 39.27 -10.24
N ARG C 256 19.89 39.76 -9.94
CA ARG C 256 20.76 40.37 -10.92
C ARG C 256 22.08 39.63 -10.95
N SER C 257 22.65 39.45 -12.14
CA SER C 257 23.92 38.74 -12.33
C SER C 257 25.07 39.53 -11.71
N ALA C 258 24.84 40.84 -11.60
CA ALA C 258 25.75 41.76 -10.93
C ALA C 258 26.08 41.28 -9.53
N ASP C 259 25.07 40.72 -8.86
CA ASP C 259 25.20 40.34 -7.46
C ASP C 259 25.95 39.03 -7.19
N TYR C 260 26.07 38.15 -8.19
CA TYR C 260 26.69 36.83 -7.98
C TYR C 260 27.69 36.40 -9.05
N GLY C 261 28.62 35.54 -8.66
CA GLY C 261 29.66 34.99 -9.54
C GLY C 261 30.43 33.89 -8.82
N ILE C 262 31.48 33.37 -9.44
CA ILE C 262 32.27 32.24 -8.86
C ILE C 262 32.72 32.48 -7.40
N THR C 263 32.92 33.73 -7.03
CA THR C 263 33.24 34.05 -5.64
C THR C 263 32.06 33.71 -4.72
N ASP C 264 30.85 33.85 -5.23
CA ASP C 264 29.66 33.53 -4.45
C ASP C 264 29.25 32.05 -4.53
N CYS C 265 30.08 31.22 -5.17
CA CYS C 265 29.78 29.80 -5.37
C CYS C 265 30.21 28.93 -4.20
N ASN C 266 29.47 29.07 -3.10
CA ASN C 266 29.71 28.31 -1.87
C ASN C 266 28.59 27.29 -1.59
N PRO C 267 28.89 25.98 -1.82
CA PRO C 267 27.90 24.90 -1.77
C PRO C 267 27.42 24.58 -0.36
N LEU C 268 28.30 24.73 0.63
CA LEU C 268 27.99 24.46 2.02
C LEU C 268 27.02 25.54 2.55
N PRO C 269 26.35 25.27 3.69
CA PRO C 269 25.33 26.19 4.20
C PRO C 269 25.81 27.64 4.36
N ALA C 270 24.86 28.57 4.31
CA ALA C 270 25.15 30.01 4.34
C ALA C 270 26.08 30.40 5.48
N ASN C 271 26.85 31.45 5.26
CA ASN C 271 27.87 31.88 6.20
C ASN C 271 27.35 32.63 7.42
N ASP C 272 26.19 33.28 7.28
CA ASP C 272 25.62 34.08 8.37
C ASP C 272 24.79 33.25 9.35
N LEU C 273 24.89 31.94 9.23
CA LEU C 273 24.18 31.03 10.12
C LEU C 273 25.08 30.62 11.27
N THR C 274 24.52 30.54 12.47
CA THR C 274 25.25 30.00 13.62
C THR C 274 25.68 28.56 13.30
N PRO C 275 26.88 28.16 13.74
CA PRO C 275 27.38 26.83 13.36
C PRO C 275 26.36 25.71 13.62
N GLU C 276 25.43 25.92 14.55
CA GLU C 276 24.37 24.96 14.83
C GLU C 276 23.34 24.94 13.69
N GLN C 277 23.06 26.11 13.11
CA GLN C 277 22.14 26.22 11.98
C GLN C 277 22.71 25.59 10.71
N LYS C 278 24.03 25.58 10.58
CA LYS C 278 24.70 24.98 9.43
C LYS C 278 24.66 23.45 9.47
N VAL C 279 24.48 22.89 10.66
CA VAL C 279 24.30 21.45 10.81
C VAL C 279 22.84 21.07 10.54
N ALA C 280 21.93 21.91 11.02
CA ALA C 280 20.50 21.70 10.81
C ALA C 280 20.14 21.79 9.33
N ALA C 281 20.72 22.78 8.65
CA ALA C 281 20.47 23.00 7.22
C ALA C 281 21.07 21.90 6.36
N ALA C 282 22.22 21.37 6.77
CA ALA C 282 22.86 20.26 6.06
C ALA C 282 22.14 18.94 6.28
N ALA C 283 21.16 18.96 7.18
CA ALA C 283 20.37 17.78 7.49
C ALA C 283 18.88 18.06 7.27
N LEU C 284 18.58 19.05 6.44
CA LEU C 284 17.23 19.50 6.18
C LEU C 284 16.34 18.39 5.65
N LEU C 285 16.92 17.51 4.85
CA LEU C 285 16.18 16.44 4.18
C LEU C 285 15.76 15.29 5.10
N ALA C 286 16.41 15.14 6.24
CA ALA C 286 16.19 13.98 7.10
C ALA C 286 14.80 13.96 7.78
N PRO C 287 14.38 15.09 8.39
CA PRO C 287 13.01 15.14 8.88
C PRO C 287 11.97 15.02 7.76
N ALA C 288 12.24 15.64 6.63
CA ALA C 288 11.33 15.56 5.48
C ALA C 288 11.07 14.10 5.10
N ALA C 289 12.16 13.34 4.99
CA ALA C 289 12.09 11.93 4.59
C ALA C 289 11.30 11.12 5.61
N ALA C 290 11.51 11.42 6.88
CA ALA C 290 10.77 10.78 7.96
C ALA C 290 9.24 11.06 7.89
N ALA C 291 8.88 12.31 7.60
CA ALA C 291 7.49 12.71 7.42
C ALA C 291 6.79 11.95 6.29
N ILE C 292 7.55 11.67 5.22
CA ILE C 292 7.01 11.02 4.04
C ILE C 292 6.75 9.55 4.32
N VAL C 293 7.74 8.90 4.92
CA VAL C 293 7.65 7.49 5.30
C VAL C 293 6.46 7.30 6.24
N ALA C 294 6.25 8.27 7.13
CA ALA C 294 5.19 8.18 8.13
C ALA C 294 3.87 8.82 7.67
N GLY C 295 3.90 9.52 6.55
CA GLY C 295 2.74 10.30 6.11
C GLY C 295 1.70 9.53 5.33
N PRO C 296 0.67 10.23 4.83
CA PRO C 296 -0.38 9.61 4.05
C PRO C 296 0.14 9.06 2.73
N LYS C 297 -0.54 8.06 2.19
CA LYS C 297 -0.13 7.41 0.96
C LYS C 297 -1.35 6.88 0.25
N GLN C 298 -1.34 6.93 -1.08
CA GLN C 298 -2.43 6.42 -1.87
C GLN C 298 -1.91 5.95 -3.21
N ASN C 299 -2.77 5.35 -4.03
CA ASN C 299 -2.34 4.70 -5.25
C ASN C 299 -2.81 5.41 -6.51
N CYS C 300 -3.19 6.67 -6.36
CA CYS C 300 -3.73 7.47 -7.46
C CYS C 300 -3.50 8.94 -7.15
N GLU C 301 -3.42 9.75 -8.20
CA GLU C 301 -3.24 11.17 -8.05
C GLU C 301 -4.57 11.79 -7.69
N PRO C 302 -4.59 12.71 -6.72
CA PRO C 302 -5.82 13.39 -6.30
C PRO C 302 -6.57 13.97 -7.47
N ASP C 303 -7.90 14.07 -7.33
CA ASP C 303 -8.73 14.74 -8.35
C ASP C 303 -8.40 16.21 -8.39
N LEU C 304 -8.43 16.78 -9.59
CA LEU C 304 -8.26 18.21 -9.78
C LEU C 304 -9.56 18.90 -9.41
N MET C 305 -9.45 20.05 -8.75
CA MET C 305 -10.65 20.85 -8.46
C MET C 305 -11.21 21.46 -9.75
N PRO C 306 -12.50 21.79 -9.76
CA PRO C 306 -13.17 22.22 -11.00
C PRO C 306 -12.47 23.35 -11.77
N TYR C 307 -11.76 24.23 -11.06
CA TYR C 307 -11.14 25.35 -11.72
C TYR C 307 -10.00 24.94 -12.63
N ALA C 308 -9.31 23.86 -12.25
CA ALA C 308 -8.16 23.38 -13.01
C ALA C 308 -8.46 22.10 -13.79
N ARG C 309 -9.60 21.48 -13.52
CA ARG C 309 -9.93 20.18 -14.11
C ARG C 309 -9.93 20.14 -15.64
N PRO C 310 -10.51 21.15 -16.30
CA PRO C 310 -10.55 21.13 -17.77
C PRO C 310 -9.19 21.26 -18.45
N PHE C 311 -8.16 21.64 -17.71
CA PHE C 311 -6.81 21.82 -18.26
C PHE C 311 -5.99 20.54 -18.34
N ALA C 312 -6.56 19.42 -17.86
CA ALA C 312 -5.85 18.13 -17.86
C ALA C 312 -6.75 16.99 -18.31
N VAL C 313 -7.63 17.28 -19.26
CA VAL C 313 -8.51 16.26 -19.80
C VAL C 313 -7.67 15.14 -20.39
N GLY C 314 -8.02 13.90 -20.08
CA GLY C 314 -7.30 12.73 -20.57
C GLY C 314 -6.45 12.04 -19.52
N LYS C 315 -6.03 12.78 -18.50
CA LYS C 315 -5.18 12.22 -17.44
C LYS C 315 -6.01 11.39 -16.49
N ARG C 316 -5.35 10.58 -15.65
CA ARG C 316 -6.05 9.68 -14.75
C ARG C 316 -5.83 10.06 -13.29
N THR C 317 -6.86 10.55 -12.65
CA THR C 317 -6.81 10.79 -11.20
C THR C 317 -7.64 9.72 -10.48
N CYS C 318 -7.77 9.87 -9.16
CA CYS C 318 -8.42 8.86 -8.33
C CYS C 318 -9.82 8.49 -8.80
N SER C 319 -10.54 9.45 -9.38
CA SER C 319 -11.91 9.18 -9.83
C SER C 319 -12.01 8.59 -11.22
N GLY C 320 -10.90 8.55 -11.93
CA GLY C 320 -10.87 8.03 -13.28
C GLY C 320 -10.26 9.02 -14.23
N ILE C 321 -10.47 8.79 -15.52
CA ILE C 321 -9.94 9.64 -16.56
C ILE C 321 -10.63 10.98 -16.53
N VAL C 322 -9.84 12.05 -16.42
CA VAL C 322 -10.36 13.41 -16.39
C VAL C 322 -11.16 13.66 -17.65
N THR C 323 -12.40 14.11 -17.48
CA THR C 323 -13.29 14.44 -18.59
C THR C 323 -13.77 15.89 -18.50
N PRO C 324 -14.23 16.46 -19.64
CA PRO C 324 -14.71 17.85 -19.64
C PRO C 324 -16.03 18.02 -18.88
N LEU D 8 38.68 -12.35 19.06
CA LEU D 8 38.19 -11.14 18.37
C LEU D 8 36.85 -11.32 17.61
N PRO D 9 36.05 -12.36 17.94
CA PRO D 9 36.24 -13.61 18.68
C PRO D 9 36.61 -14.72 17.70
N SER D 10 36.58 -15.97 18.15
CA SER D 10 36.91 -17.11 17.29
C SER D 10 36.04 -18.32 17.64
N GLY D 11 36.55 -19.52 17.36
CA GLY D 11 35.80 -20.75 17.59
C GLY D 11 34.94 -21.08 16.39
N SER D 12 33.73 -21.54 16.65
CA SER D 12 32.84 -21.99 15.60
C SER D 12 32.07 -20.84 14.95
N ASP D 13 31.63 -21.08 13.72
CA ASP D 13 30.70 -20.19 13.01
C ASP D 13 29.33 -20.25 13.68
N PRO D 14 28.71 -19.09 13.92
CA PRO D 14 27.34 -19.09 14.43
C PRO D 14 26.38 -19.85 13.49
N ALA D 15 25.45 -20.59 14.06
CA ALA D 15 24.46 -21.32 13.26
C ALA D 15 23.57 -20.35 12.52
N PHE D 16 23.41 -20.56 11.21
CA PHE D 16 22.53 -19.72 10.41
C PHE D 16 21.09 -19.86 10.85
N SER D 17 20.35 -18.75 10.81
CA SER D 17 18.90 -18.79 11.03
C SER D 17 18.20 -19.01 9.70
N GLN D 18 18.86 -18.57 8.63
CA GLN D 18 18.35 -18.74 7.27
C GLN D 18 18.81 -20.08 6.71
N PRO D 19 17.87 -20.89 6.20
CA PRO D 19 18.22 -22.14 5.56
C PRO D 19 19.26 -21.98 4.45
N LYS D 20 20.09 -23.00 4.26
CA LYS D 20 21.21 -22.96 3.32
C LYS D 20 20.74 -22.58 1.93
N SER D 21 19.67 -23.24 1.49
CA SER D 21 19.08 -23.03 0.17
C SER D 21 18.47 -21.63 -0.03
N VAL D 22 17.89 -21.07 1.03
CA VAL D 22 17.34 -19.71 1.01
C VAL D 22 18.46 -18.71 0.70
N LEU D 23 19.58 -18.87 1.40
CA LEU D 23 20.72 -17.97 1.26
C LEU D 23 21.36 -18.10 -0.12
N ASP D 24 21.17 -19.27 -0.73
CA ASP D 24 21.70 -19.56 -2.07
C ASP D 24 21.06 -18.71 -3.15
N ALA D 25 19.74 -18.57 -3.05
CA ALA D 25 18.94 -17.80 -4.01
C ALA D 25 19.31 -16.32 -4.06
N GLY D 26 19.95 -15.83 -3.00
CA GLY D 26 20.32 -14.41 -2.93
C GLY D 26 21.53 -14.04 -3.77
N LEU D 27 22.28 -15.05 -4.21
CA LEU D 27 23.55 -14.83 -4.88
C LEU D 27 23.49 -15.03 -6.40
N THR D 28 24.09 -14.11 -7.14
CA THR D 28 24.09 -14.17 -8.60
C THR D 28 25.34 -13.50 -9.17
N CYS D 29 25.88 -14.06 -10.26
CA CYS D 29 27.02 -13.50 -10.97
C CYS D 29 26.67 -13.27 -12.44
N GLN D 30 27.31 -12.27 -13.05
CA GLN D 30 27.05 -11.93 -14.45
C GLN D 30 27.95 -12.72 -15.41
N GLY D 31 27.54 -13.94 -15.74
CA GLY D 31 28.32 -14.74 -16.67
C GLY D 31 28.19 -16.23 -16.49
N ALA D 32 28.59 -16.72 -15.31
CA ALA D 32 28.67 -18.16 -15.06
C ALA D 32 27.80 -18.63 -13.90
N SER D 33 28.44 -18.95 -12.77
CA SER D 33 27.74 -19.61 -11.68
C SER D 33 28.40 -19.29 -10.35
N PRO D 34 27.70 -19.57 -9.23
CA PRO D 34 28.35 -19.45 -7.94
C PRO D 34 29.43 -20.51 -7.82
N SER D 35 29.10 -21.73 -8.26
CA SER D 35 29.96 -22.91 -8.14
C SER D 35 31.08 -22.95 -9.17
N SER D 36 31.07 -22.04 -10.14
CA SER D 36 32.14 -21.95 -11.12
C SER D 36 32.26 -20.53 -11.65
N VAL D 37 33.34 -19.84 -11.31
CA VAL D 37 33.55 -18.47 -11.81
C VAL D 37 34.99 -18.02 -11.55
N SER D 38 35.53 -17.24 -12.50
CA SER D 38 36.92 -16.81 -12.44
C SER D 38 37.02 -15.31 -12.25
N LYS D 39 37.94 -14.89 -11.38
CA LYS D 39 38.16 -13.48 -11.04
C LYS D 39 36.88 -12.81 -10.47
N PRO D 40 36.16 -13.50 -9.56
CA PRO D 40 34.89 -12.94 -9.08
C PRO D 40 35.06 -11.86 -8.01
N ILE D 41 34.23 -10.81 -8.09
CA ILE D 41 34.13 -9.80 -7.04
C ILE D 41 32.72 -9.82 -6.44
N LEU D 42 32.62 -9.79 -5.12
CA LEU D 42 31.32 -9.83 -4.44
C LEU D 42 30.86 -8.43 -4.05
N LEU D 43 29.66 -8.07 -4.52
CA LEU D 43 29.08 -6.75 -4.29
C LEU D 43 27.90 -6.81 -3.31
N VAL D 44 28.00 -6.03 -2.23
CA VAL D 44 26.94 -5.95 -1.22
C VAL D 44 26.30 -4.56 -1.28
N PRO D 45 24.98 -4.50 -1.49
CA PRO D 45 24.29 -3.25 -1.81
C PRO D 45 23.90 -2.42 -0.60
N GLY D 46 23.42 -1.21 -0.88
CA GLY D 46 22.94 -0.28 0.16
C GLY D 46 21.53 -0.57 0.64
N THR D 47 21.08 0.24 1.59
CA THR D 47 19.78 0.03 2.25
C THR D 47 18.67 0.41 1.29
N GLY D 48 17.69 -0.48 1.16
CA GLY D 48 16.56 -0.24 0.27
C GLY D 48 16.81 -0.55 -1.19
N THR D 49 17.79 -1.42 -1.46
CA THR D 49 18.14 -1.78 -2.84
C THR D 49 18.46 -3.26 -2.97
N THR D 50 18.51 -3.70 -4.22
CA THR D 50 19.09 -4.98 -4.57
C THR D 50 20.49 -4.75 -5.14
N GLY D 51 21.23 -5.84 -5.34
CA GLY D 51 22.55 -5.75 -5.97
C GLY D 51 22.51 -4.94 -7.27
N PRO D 52 21.68 -5.36 -8.23
CA PRO D 52 21.52 -4.65 -9.52
C PRO D 52 21.12 -3.16 -9.34
N GLN D 53 20.17 -2.90 -8.46
CA GLN D 53 19.74 -1.53 -8.17
C GLN D 53 20.89 -0.67 -7.69
N SER D 54 21.64 -1.19 -6.73
CA SER D 54 22.76 -0.43 -6.16
C SER D 54 23.92 -0.26 -7.14
N PHE D 55 24.14 -1.26 -7.98
CA PHE D 55 25.41 -1.30 -8.72
C PHE D 55 25.37 -1.26 -10.25
N ASP D 56 24.32 -1.76 -10.91
CA ASP D 56 24.41 -1.92 -12.38
C ASP D 56 24.55 -0.62 -13.17
N SER D 57 24.42 0.53 -12.49
CA SER D 57 24.71 1.82 -13.10
C SER D 57 26.11 2.30 -12.71
N ASN D 58 26.88 1.44 -12.04
CA ASN D 58 28.21 1.82 -11.56
C ASN D 58 29.22 0.66 -11.50
N TRP D 59 29.17 -0.18 -10.46
CA TRP D 59 30.23 -1.17 -10.21
C TRP D 59 29.96 -2.56 -10.70
N ILE D 60 28.90 -2.74 -11.48
CA ILE D 60 28.69 -4.00 -12.19
C ILE D 60 29.35 -3.96 -13.57
N PRO D 61 29.30 -2.80 -14.26
CA PRO D 61 30.06 -2.67 -15.50
C PRO D 61 31.46 -2.07 -15.33
N LEU D 62 31.73 -1.39 -14.21
CA LEU D 62 33.06 -0.83 -13.97
C LEU D 62 34.03 -1.87 -13.43
N SER D 63 33.48 -2.91 -12.80
CA SER D 63 34.30 -4.01 -12.30
C SER D 63 34.70 -4.96 -13.43
N THR D 64 33.79 -5.14 -14.40
CA THR D 64 34.05 -6.01 -15.55
C THR D 64 35.04 -5.35 -16.50
N GLN D 65 34.91 -4.02 -16.61
CA GLN D 65 35.89 -3.19 -17.29
C GLN D 65 37.30 -3.46 -16.75
N LEU D 66 37.36 -4.04 -15.55
CA LEU D 66 38.62 -4.35 -14.87
C LEU D 66 38.79 -5.86 -14.60
N GLY D 67 38.26 -6.68 -15.51
CA GLY D 67 38.57 -8.10 -15.50
C GLY D 67 37.67 -9.00 -14.67
N TYR D 68 37.01 -8.42 -13.66
CA TYR D 68 36.21 -9.22 -12.72
C TYR D 68 34.88 -9.66 -13.30
N THR D 69 34.45 -10.85 -12.91
CA THR D 69 33.10 -11.30 -13.16
C THR D 69 32.23 -10.85 -11.97
N PRO D 70 31.35 -9.83 -12.18
CA PRO D 70 30.68 -9.23 -11.03
C PRO D 70 29.65 -10.16 -10.41
N CYS D 71 29.60 -10.14 -9.09
CA CYS D 71 28.62 -10.92 -8.33
C CYS D 71 27.98 -10.05 -7.25
N TRP D 72 26.83 -10.49 -6.74
CA TRP D 72 26.09 -9.71 -5.76
C TRP D 72 25.16 -10.56 -4.96
N ILE D 73 24.77 -10.03 -3.79
CA ILE D 73 23.65 -10.56 -3.03
C ILE D 73 22.52 -9.53 -3.02
N SER D 74 21.30 -10.01 -2.86
CA SER D 74 20.14 -9.13 -2.76
C SER D 74 19.18 -9.67 -1.70
N PRO D 75 19.53 -9.52 -0.41
CA PRO D 75 18.73 -10.07 0.69
C PRO D 75 17.33 -9.46 0.79
N PRO D 76 16.28 -10.32 0.89
CA PRO D 76 14.90 -9.86 1.03
C PRO D 76 14.58 -9.29 2.40
N PRO D 77 13.77 -8.20 2.46
CA PRO D 77 13.32 -7.38 1.33
C PRO D 77 14.12 -6.08 1.20
N PHE D 78 14.83 -5.94 0.08
CA PHE D 78 15.60 -4.74 -0.22
C PHE D 78 16.49 -4.29 0.95
N MET D 79 17.16 -5.24 1.59
CA MET D 79 18.15 -4.93 2.63
C MET D 79 17.56 -4.19 3.84
N LEU D 80 16.29 -4.44 4.12
CA LEU D 80 15.59 -3.77 5.21
C LEU D 80 15.34 -4.69 6.36
N ASN D 81 15.57 -5.99 6.14
CA ASN D 81 15.48 -6.99 7.21
C ASN D 81 16.70 -6.92 8.14
N ASP D 82 16.63 -7.63 9.26
CA ASP D 82 17.73 -7.79 10.20
C ASP D 82 19.08 -7.80 9.50
N THR D 83 19.96 -6.91 9.91
CA THR D 83 21.32 -6.82 9.34
C THR D 83 22.12 -8.11 9.62
N GLN D 84 21.79 -8.79 10.72
CA GLN D 84 22.37 -10.07 11.03
C GLN D 84 21.98 -11.14 10.00
N VAL D 85 20.73 -11.10 9.54
CA VAL D 85 20.24 -12.00 8.49
C VAL D 85 20.78 -11.57 7.12
N ASN D 86 20.86 -10.28 6.87
CA ASN D 86 21.51 -9.74 5.67
C ASN D 86 22.95 -10.23 5.56
N THR D 87 23.57 -10.46 6.71
CA THR D 87 24.95 -10.91 6.77
C THR D 87 25.06 -12.40 6.43
N GLU D 88 24.12 -13.20 6.95
CA GLU D 88 24.09 -14.63 6.64
C GLU D 88 24.15 -14.86 5.13
N TYR D 89 23.64 -13.91 4.36
CA TYR D 89 23.68 -13.96 2.89
C TYR D 89 25.11 -13.83 2.38
N MET D 90 25.88 -12.96 3.01
CA MET D 90 27.25 -12.71 2.58
C MET D 90 28.21 -13.85 2.98
N VAL D 91 27.95 -14.48 4.11
CA VAL D 91 28.76 -15.60 4.59
C VAL D 91 28.54 -16.83 3.73
N ASN D 92 27.28 -17.13 3.42
CA ASN D 92 26.94 -18.22 2.50
C ASN D 92 27.47 -17.93 1.10
N ALA D 93 27.54 -16.64 0.75
CA ALA D 93 28.02 -16.23 -0.56
C ALA D 93 29.54 -16.38 -0.67
N ILE D 94 30.25 -16.15 0.43
CA ILE D 94 31.71 -16.24 0.44
C ILE D 94 32.18 -17.71 0.53
N THR D 95 31.41 -18.54 1.23
CA THR D 95 31.60 -19.98 1.22
C THR D 95 31.33 -20.55 -0.18
N ALA D 96 30.44 -19.89 -0.93
CA ALA D 96 30.10 -20.30 -2.29
C ALA D 96 31.15 -19.80 -3.29
N LEU D 97 31.43 -18.50 -3.28
CA LEU D 97 32.35 -17.90 -4.25
C LEU D 97 33.80 -18.28 -4.01
N TYR D 98 34.08 -18.87 -2.84
CA TYR D 98 35.40 -19.37 -2.50
C TYR D 98 35.62 -20.75 -3.12
N ALA D 99 34.77 -21.70 -2.72
CA ALA D 99 34.77 -23.05 -3.29
C ALA D 99 34.47 -23.03 -4.80
N GLY D 100 33.62 -22.11 -5.22
CA GLY D 100 33.24 -21.97 -6.62
C GLY D 100 34.22 -21.20 -7.49
N SER D 101 35.24 -20.62 -6.86
CA SER D 101 36.34 -20.02 -7.61
C SER D 101 37.57 -20.92 -7.50
N GLY D 102 37.37 -22.12 -6.97
CA GLY D 102 38.46 -23.09 -6.76
C GLY D 102 39.37 -22.74 -5.59
N ASN D 103 38.79 -22.71 -4.39
CA ASN D 103 39.50 -22.36 -3.15
C ASN D 103 40.44 -21.15 -3.26
N ASN D 104 39.91 -20.05 -3.78
CA ASN D 104 40.66 -18.80 -3.86
C ASN D 104 39.94 -17.65 -3.14
N LYS D 105 40.74 -16.75 -2.57
CA LYS D 105 40.21 -15.55 -1.94
C LYS D 105 39.61 -14.63 -3.00
N LEU D 106 38.60 -13.85 -2.61
CA LEU D 106 37.90 -12.94 -3.53
C LEU D 106 37.68 -11.55 -2.91
N PRO D 107 37.84 -10.48 -3.70
CA PRO D 107 37.62 -9.14 -3.15
C PRO D 107 36.14 -8.86 -2.89
N VAL D 108 35.84 -7.89 -2.01
CA VAL D 108 34.47 -7.53 -1.67
C VAL D 108 34.30 -6.02 -1.74
N LEU D 109 33.35 -5.56 -2.56
CA LEU D 109 33.07 -4.13 -2.72
C LEU D 109 31.64 -3.83 -2.29
N THR D 110 31.46 -2.74 -1.53
CA THR D 110 30.18 -2.48 -0.87
C THR D 110 29.77 -1.01 -0.82
N TRP D 111 28.46 -0.79 -0.67
CA TRP D 111 27.90 0.55 -0.49
C TRP D 111 27.02 0.59 0.73
N SER D 112 27.10 1.69 1.49
CA SER D 112 26.26 1.92 2.65
C SER D 112 26.26 0.73 3.61
N GLN D 113 25.06 0.25 3.98
CA GLN D 113 24.89 -0.87 4.90
C GLN D 113 25.72 -2.08 4.47
N GLY D 114 26.08 -2.11 3.18
CA GLY D 114 26.90 -3.19 2.64
C GLY D 114 28.19 -3.37 3.41
N GLY D 115 28.87 -2.25 3.67
CA GLY D 115 30.11 -2.26 4.45
C GLY D 115 29.89 -2.79 5.85
N LEU D 116 28.90 -2.23 6.53
CA LEU D 116 28.51 -2.67 7.86
C LEU D 116 28.26 -4.19 7.92
N VAL D 117 27.54 -4.70 6.92
CA VAL D 117 27.25 -6.13 6.83
C VAL D 117 28.54 -6.95 6.68
N ALA D 118 29.42 -6.50 5.80
CA ALA D 118 30.69 -7.19 5.56
C ALA D 118 31.45 -7.30 6.88
N GLN D 119 31.75 -6.13 7.46
CA GLN D 119 32.51 -6.07 8.69
C GLN D 119 31.83 -6.87 9.80
N TRP D 120 30.52 -7.01 9.72
CA TRP D 120 29.76 -7.76 10.70
C TRP D 120 30.00 -9.24 10.58
N GLY D 121 30.04 -9.74 9.35
CA GLY D 121 30.35 -11.15 9.09
C GLY D 121 31.80 -11.50 9.39
N LEU D 122 32.70 -10.61 8.96
CA LEU D 122 34.12 -10.73 9.27
C LEU D 122 34.35 -10.79 10.79
N THR D 123 33.53 -10.08 11.55
CA THR D 123 33.70 -10.00 13.00
C THR D 123 33.20 -11.27 13.68
N PHE D 124 32.06 -11.80 13.24
CA PHE D 124 31.40 -12.87 13.99
C PHE D 124 31.37 -14.24 13.31
N PHE D 125 31.92 -14.33 12.11
CA PHE D 125 32.00 -15.63 11.41
C PHE D 125 33.44 -15.98 11.07
N PRO D 126 34.09 -16.81 11.93
CA PRO D 126 35.50 -17.14 11.77
C PRO D 126 35.86 -17.69 10.39
N SER D 127 34.98 -18.53 9.84
CA SER D 127 35.31 -19.28 8.63
C SER D 127 35.59 -18.38 7.42
N ILE D 128 34.86 -17.28 7.29
CA ILE D 128 35.03 -16.41 6.12
C ILE D 128 36.19 -15.44 6.28
N ARG D 129 36.83 -15.46 7.43
CA ARG D 129 37.99 -14.60 7.65
C ARG D 129 39.17 -15.05 6.80
N SER D 130 39.23 -16.35 6.53
CA SER D 130 40.28 -16.96 5.73
C SER D 130 39.97 -16.91 4.22
N LYS D 131 38.72 -16.59 3.89
CA LYS D 131 38.22 -16.73 2.52
C LYS D 131 38.03 -15.38 1.79
N VAL D 132 38.13 -14.27 2.51
CA VAL D 132 37.93 -12.93 1.93
C VAL D 132 39.27 -12.27 1.67
N ASP D 133 39.46 -11.82 0.43
CA ASP D 133 40.73 -11.23 0.01
C ASP D 133 40.94 -9.81 0.51
N ARG D 134 40.00 -8.93 0.19
CA ARG D 134 40.04 -7.55 0.66
C ARG D 134 38.63 -6.98 0.80
N LEU D 135 38.54 -5.70 1.16
CA LEU D 135 37.26 -5.03 1.32
C LEU D 135 37.33 -3.57 0.89
N MET D 136 36.59 -3.25 -0.18
CA MET D 136 36.45 -1.89 -0.65
C MET D 136 35.04 -1.44 -0.30
N ALA D 137 34.93 -0.61 0.74
CA ALA D 137 33.64 -0.12 1.20
C ALA D 137 33.46 1.36 0.90
N PHE D 138 32.32 1.68 0.26
CA PHE D 138 31.96 3.06 -0.05
C PHE D 138 30.91 3.59 0.91
N ALA D 139 31.16 4.78 1.43
CA ALA D 139 30.33 5.39 2.48
C ALA D 139 29.73 4.40 3.49
N PRO D 140 30.56 3.50 4.05
CA PRO D 140 30.02 2.52 5.00
C PRO D 140 29.69 3.16 6.35
N ASP D 141 28.74 2.56 7.07
CA ASP D 141 28.24 3.10 8.34
C ASP D 141 28.49 2.11 9.48
N TYR D 142 29.76 1.90 9.83
CA TYR D 142 30.13 0.95 10.88
C TYR D 142 29.66 1.40 12.27
N LYS D 143 29.58 2.73 12.46
CA LYS D 143 29.05 3.29 13.70
C LYS D 143 27.60 3.76 13.53
N GLY D 144 27.00 3.36 12.42
CA GLY D 144 25.64 3.78 12.07
C GLY D 144 25.54 5.24 11.68
N THR D 145 24.32 5.78 11.76
CA THR D 145 24.06 7.17 11.46
C THR D 145 23.11 7.75 12.49
N VAL D 146 23.25 9.06 12.72
CA VAL D 146 22.36 9.78 13.61
C VAL D 146 21.12 10.28 12.86
N LEU D 147 21.17 10.23 11.54
CA LEU D 147 20.08 10.75 10.72
C LEU D 147 18.90 9.77 10.54
N ALA D 148 19.01 8.61 11.18
CA ALA D 148 17.92 7.65 11.28
C ALA D 148 16.94 8.02 12.41
N GLY D 149 17.34 8.99 13.23
CA GLY D 149 16.60 9.34 14.45
C GLY D 149 15.16 9.75 14.26
N PRO D 150 14.89 10.68 13.33
CA PRO D 150 13.50 11.05 13.08
C PRO D 150 12.61 9.84 12.68
N LEU D 151 13.10 9.01 11.76
CA LEU D 151 12.41 7.78 11.37
C LEU D 151 12.15 6.90 12.58
N ASP D 152 13.18 6.76 13.43
CA ASP D 152 13.09 5.95 14.65
C ASP D 152 12.09 6.53 15.63
N ALA D 153 12.07 7.85 15.72
CA ALA D 153 11.18 8.56 16.64
C ALA D 153 9.72 8.39 16.25
N LEU D 154 9.47 8.22 14.95
CA LEU D 154 8.13 8.06 14.43
C LEU D 154 7.71 6.60 14.37
N ALA D 155 8.60 5.70 14.81
CA ALA D 155 8.34 4.25 14.77
C ALA D 155 8.01 3.76 13.37
N VAL D 156 8.70 4.30 12.37
CA VAL D 156 8.49 3.93 10.96
C VAL D 156 9.79 3.41 10.35
N SER D 157 10.65 2.87 11.20
CA SER D 157 11.94 2.38 10.76
C SER D 157 11.97 0.88 10.59
N ALA D 158 12.45 0.44 9.44
CA ALA D 158 12.66 -0.96 9.17
C ALA D 158 13.67 -1.54 10.16
N PRO D 159 13.68 -2.88 10.32
CA PRO D 159 14.66 -3.56 11.16
C PRO D 159 16.10 -3.04 11.01
N SER D 160 16.59 -2.93 9.78
CA SER D 160 17.98 -2.52 9.54
C SER D 160 18.19 -1.03 9.77
N VAL D 161 17.13 -0.24 9.63
CA VAL D 161 17.21 1.20 9.90
C VAL D 161 17.40 1.48 11.40
N TRP D 162 16.74 0.70 12.25
CA TRP D 162 16.98 0.75 13.69
C TRP D 162 18.42 0.40 14.00
N GLN D 163 18.93 -0.58 13.26
CA GLN D 163 20.26 -1.14 13.49
C GLN D 163 21.37 -0.24 12.96
N GLN D 164 21.07 0.52 11.92
CA GLN D 164 22.02 1.48 11.36
C GLN D 164 21.93 2.81 12.06
N THR D 165 21.27 2.84 13.22
CA THR D 165 21.18 4.05 14.02
C THR D 165 22.35 4.10 15.00
N THR D 166 22.93 5.29 15.14
CA THR D 166 24.01 5.50 16.10
C THR D 166 23.54 5.13 17.50
N GLY D 167 24.29 4.25 18.15
CA GLY D 167 23.98 3.81 19.51
C GLY D 167 23.19 2.52 19.58
N SER D 168 22.71 2.05 18.42
CA SER D 168 21.99 0.78 18.34
C SER D 168 22.74 -0.37 18.99
N ALA D 169 22.00 -1.37 19.46
CA ALA D 169 22.59 -2.58 20.00
C ALA D 169 23.56 -3.22 19.01
N LEU D 170 23.22 -3.11 17.71
CA LEU D 170 24.05 -3.69 16.66
C LEU D 170 25.40 -2.98 16.50
N THR D 171 25.39 -1.67 16.32
CA THR D 171 26.65 -0.93 16.20
C THR D 171 27.49 -1.07 17.48
N THR D 172 26.80 -1.05 18.62
CA THR D 172 27.46 -1.28 19.90
C THR D 172 28.19 -2.62 19.94
N ALA D 173 27.46 -3.70 19.62
CA ALA D 173 28.04 -5.04 19.61
C ALA D 173 29.25 -5.15 18.69
N LEU D 174 29.17 -4.45 17.55
CA LEU D 174 30.25 -4.47 16.59
C LEU D 174 31.54 -3.87 17.18
N ARG D 175 31.41 -2.72 17.86
CA ARG D 175 32.59 -2.10 18.47
C ARG D 175 33.18 -2.98 19.59
N ASN D 176 32.32 -3.56 20.41
CA ASN D 176 32.75 -4.31 21.58
C ASN D 176 33.29 -5.72 21.31
N ALA D 177 33.21 -6.17 20.06
CA ALA D 177 33.79 -7.45 19.66
C ALA D 177 35.03 -7.22 18.79
N GLY D 178 35.47 -5.97 18.71
CA GLY D 178 36.70 -5.63 17.99
C GLY D 178 36.50 -5.52 16.50
N GLY D 179 35.38 -4.93 16.11
CA GLY D 179 34.96 -4.79 14.71
C GLY D 179 35.23 -3.45 14.07
N LEU D 180 35.67 -2.47 14.86
CA LEU D 180 36.08 -1.17 14.29
C LEU D 180 37.57 -1.17 13.89
N THR D 181 38.16 -2.37 13.83
CA THR D 181 39.49 -2.61 13.27
C THR D 181 39.33 -3.50 12.03
N GLN D 182 40.02 -3.18 10.94
CA GLN D 182 39.91 -3.99 9.72
C GLN D 182 40.34 -5.44 9.96
N ILE D 183 39.53 -6.39 9.50
CA ILE D 183 39.79 -7.82 9.75
C ILE D 183 40.48 -8.46 8.54
N VAL D 184 40.28 -7.86 7.36
CA VAL D 184 41.12 -8.14 6.20
C VAL D 184 41.59 -6.77 5.69
N PRO D 185 42.49 -6.73 4.68
CA PRO D 185 42.87 -5.39 4.21
C PRO D 185 41.67 -4.63 3.65
N THR D 186 41.51 -3.38 4.07
CA THR D 186 40.27 -2.63 3.89
C THR D 186 40.50 -1.19 3.49
N THR D 187 39.70 -0.71 2.53
CA THR D 187 39.69 0.69 2.12
C THR D 187 38.30 1.28 2.35
N ASN D 188 38.25 2.51 2.85
CA ASN D 188 36.97 3.18 3.14
C ASN D 188 36.88 4.57 2.53
N LEU D 189 36.21 4.67 1.39
CA LEU D 189 35.99 5.96 0.74
C LEU D 189 34.63 6.53 1.15
N TYR D 190 34.63 7.78 1.60
CA TYR D 190 33.40 8.43 2.05
C TYR D 190 33.52 9.94 2.03
N SER D 191 32.41 10.63 2.30
CA SER D 191 32.34 12.08 2.21
C SER D 191 31.76 12.68 3.49
N ALA D 192 32.03 13.97 3.69
CA ALA D 192 31.54 14.68 4.86
C ALA D 192 30.18 15.30 4.57
N THR D 193 29.90 15.55 3.29
CA THR D 193 28.62 16.10 2.87
C THR D 193 27.57 15.01 2.65
N ASP D 194 27.93 13.77 3.02
CA ASP D 194 27.03 12.63 3.02
C ASP D 194 25.77 12.96 3.84
N GLU D 195 24.61 12.83 3.21
CA GLU D 195 23.35 13.27 3.82
C GLU D 195 22.57 12.13 4.46
N ILE D 196 23.08 10.90 4.31
CA ILE D 196 22.44 9.72 4.88
C ILE D 196 23.18 9.28 6.15
N VAL D 197 24.49 9.13 6.03
CA VAL D 197 25.33 8.69 7.13
C VAL D 197 26.08 9.88 7.71
N GLN D 198 26.02 10.02 9.03
CA GLN D 198 26.78 11.01 9.80
C GLN D 198 26.95 10.48 11.23
N PRO D 199 28.05 10.87 11.92
CA PRO D 199 29.05 11.85 11.49
C PRO D 199 30.14 11.24 10.62
N GLN D 200 30.56 12.00 9.61
CA GLN D 200 31.67 11.59 8.73
C GLN D 200 32.61 12.78 8.47
N VAL D 201 32.61 13.77 9.37
CA VAL D 201 33.20 15.08 9.10
C VAL D 201 34.63 15.27 9.60
N SER D 202 34.94 14.64 10.74
CA SER D 202 36.20 14.92 11.43
C SER D 202 37.46 14.39 10.73
N ASN D 203 37.29 13.56 9.70
CA ASN D 203 38.43 12.95 9.01
C ASN D 203 39.31 12.12 9.96
N SER D 204 38.65 11.42 10.89
CA SER D 204 39.34 10.72 11.98
C SER D 204 38.55 9.46 12.33
N PRO D 205 38.95 8.76 13.41
CA PRO D 205 38.19 7.59 13.87
C PRO D 205 36.78 7.85 14.41
N LEU D 206 36.44 9.11 14.63
CA LEU D 206 35.06 9.50 15.00
C LEU D 206 34.05 9.16 13.90
N ASP D 207 34.54 9.14 12.65
CA ASP D 207 33.71 8.91 11.49
C ASP D 207 33.20 7.49 11.42
N SER D 208 31.94 7.36 10.99
CA SER D 208 31.26 6.06 10.97
C SER D 208 31.89 5.09 9.96
N SER D 209 32.67 5.63 9.03
CA SER D 209 33.30 4.82 7.99
C SER D 209 34.71 4.35 8.33
N TYR D 210 35.31 4.92 9.38
CA TYR D 210 36.70 4.64 9.76
C TYR D 210 36.88 3.28 10.41
N LEU D 211 37.85 2.52 9.92
CA LEU D 211 38.32 1.30 10.58
C LEU D 211 39.81 1.41 10.92
N PHE D 212 40.21 0.73 11.98
CA PHE D 212 41.61 0.77 12.41
C PHE D 212 42.47 -0.14 11.56
N ASN D 213 43.57 0.42 11.04
CA ASN D 213 44.51 -0.24 10.11
C ASN D 213 44.03 -0.32 8.65
N GLY D 214 42.87 0.25 8.36
CA GLY D 214 42.39 0.32 7.00
C GLY D 214 42.72 1.65 6.36
N LYS D 215 42.73 1.68 5.03
CA LYS D 215 42.91 2.93 4.30
C LYS D 215 41.60 3.71 4.28
N ASN D 216 41.54 4.76 5.08
CA ASN D 216 40.34 5.59 5.19
C ASN D 216 40.47 6.89 4.41
N VAL D 217 39.73 6.98 3.31
CA VAL D 217 39.77 8.17 2.45
C VAL D 217 38.49 9.02 2.53
N GLN D 218 38.54 10.08 3.31
CA GLN D 218 37.51 11.10 3.24
C GLN D 218 37.84 11.93 2.02
N ALA D 219 36.84 12.23 1.19
CA ALA D 219 37.07 12.93 -0.08
C ALA D 219 37.39 14.40 0.07
N GLN D 220 37.09 14.98 1.24
CA GLN D 220 37.44 16.38 1.53
C GLN D 220 38.91 16.54 1.92
N ALA D 221 39.52 15.43 2.37
CA ALA D 221 40.93 15.41 2.74
C ALA D 221 41.83 15.32 1.52
N VAL D 222 41.23 15.40 0.33
CA VAL D 222 41.97 15.39 -0.93
C VAL D 222 41.53 16.59 -1.78
N CYS D 223 40.21 16.69 -1.99
CA CYS D 223 39.65 17.73 -2.83
C CYS D 223 39.25 18.97 -2.04
N GLY D 224 39.50 18.94 -0.73
CA GLY D 224 39.26 20.10 0.12
C GLY D 224 37.82 20.20 0.57
N PRO D 225 37.54 21.15 1.49
CA PRO D 225 36.20 21.38 2.03
C PRO D 225 35.32 22.28 1.16
N LEU D 226 35.26 21.96 -0.14
CA LEU D 226 34.26 22.54 -1.05
C LEU D 226 33.83 21.50 -2.08
N PHE D 227 34.42 20.32 -1.98
CA PHE D 227 34.03 19.17 -2.78
C PHE D 227 32.81 18.52 -2.15
N VAL D 228 31.71 18.50 -2.91
CA VAL D 228 30.45 17.94 -2.42
C VAL D 228 30.07 16.69 -3.21
N ILE D 229 30.03 15.57 -2.52
CA ILE D 229 29.42 14.35 -3.03
C ILE D 229 28.59 13.74 -1.90
N ASP D 230 27.34 13.38 -2.23
CA ASP D 230 26.44 12.82 -1.23
C ASP D 230 26.66 11.31 -1.11
N HIS D 231 25.76 10.66 -0.37
CA HIS D 231 25.88 9.23 -0.09
C HIS D 231 25.90 8.36 -1.32
N ALA D 232 25.24 8.83 -2.39
CA ALA D 232 25.25 8.11 -3.65
C ALA D 232 26.53 8.44 -4.42
N GLY D 233 26.87 9.72 -4.45
CA GLY D 233 28.08 10.22 -5.12
C GLY D 233 29.37 9.76 -4.46
N SER D 234 29.24 8.97 -3.40
CA SER D 234 30.38 8.35 -2.75
C SER D 234 30.67 7.01 -3.39
N LEU D 235 29.66 6.40 -4.00
CA LEU D 235 29.81 5.09 -4.65
C LEU D 235 30.03 5.22 -6.16
N THR D 236 29.48 6.29 -6.74
CA THR D 236 29.31 6.34 -8.19
C THR D 236 30.27 7.27 -8.91
N SER D 237 30.83 8.25 -8.19
CA SER D 237 31.70 9.27 -8.82
C SER D 237 32.95 8.67 -9.48
N GLN D 238 33.59 9.48 -10.33
CA GLN D 238 34.82 9.07 -10.98
C GLN D 238 35.94 8.95 -9.95
N PHE D 239 36.04 9.96 -9.09
CA PHE D 239 36.91 9.93 -7.91
C PHE D 239 36.84 8.55 -7.26
N SER D 240 35.62 8.10 -7.00
CA SER D 240 35.35 6.80 -6.38
C SER D 240 35.83 5.61 -7.22
N TYR D 241 35.82 5.75 -8.55
CA TYR D 241 36.30 4.71 -9.45
C TYR D 241 37.82 4.55 -9.32
N VAL D 242 38.52 5.67 -9.22
CA VAL D 242 39.99 5.68 -9.12
C VAL D 242 40.43 4.99 -7.84
N VAL D 243 39.78 5.35 -6.73
CA VAL D 243 40.11 4.80 -5.42
C VAL D 243 39.68 3.34 -5.33
N GLY D 244 38.56 3.01 -5.95
CA GLY D 244 38.06 1.64 -5.96
C GLY D 244 38.94 0.72 -6.79
N ARG D 245 39.42 1.24 -7.92
CA ARG D 245 40.33 0.51 -8.79
C ARG D 245 41.69 0.33 -8.09
N SER D 246 42.20 1.43 -7.55
CA SER D 246 43.44 1.45 -6.78
C SER D 246 43.47 0.31 -5.76
N ALA D 247 42.40 0.16 -4.99
CA ALA D 247 42.31 -0.90 -3.98
C ALA D 247 42.34 -2.29 -4.60
N LEU D 248 41.68 -2.41 -5.75
CA LEU D 248 41.65 -3.68 -6.48
C LEU D 248 42.95 -3.86 -7.31
N ARG D 249 43.81 -2.86 -7.29
CA ARG D 249 45.11 -2.86 -7.97
C ARG D 249 46.26 -3.09 -6.99
N SER D 250 46.03 -2.81 -5.71
CA SER D 250 47.09 -2.84 -4.71
C SER D 250 47.47 -4.27 -4.33
N THR D 251 48.77 -4.46 -4.10
CA THR D 251 49.34 -5.73 -3.62
C THR D 251 49.35 -5.81 -2.09
N THR D 252 49.21 -4.64 -1.45
CA THR D 252 49.07 -4.54 -0.01
C THR D 252 47.61 -4.65 0.42
N GLY D 253 46.78 -5.19 -0.47
CA GLY D 253 45.36 -5.45 -0.19
C GLY D 253 44.42 -4.25 -0.25
N GLN D 254 44.98 -3.05 -0.21
CA GLN D 254 44.19 -1.81 -0.13
C GLN D 254 44.81 -0.61 -0.84
N ALA D 255 43.95 0.33 -1.24
CA ALA D 255 44.34 1.49 -2.05
C ALA D 255 45.43 2.29 -1.37
N ARG D 256 46.24 2.97 -2.18
CA ARG D 256 47.30 3.83 -1.65
C ARG D 256 47.40 5.17 -2.37
N SER D 257 47.86 6.18 -1.62
CA SER D 257 47.80 7.60 -2.02
C SER D 257 48.31 7.97 -3.42
N ALA D 258 49.17 7.12 -3.98
CA ALA D 258 49.86 7.42 -5.23
C ALA D 258 48.94 7.45 -6.45
N ASP D 259 47.86 6.67 -6.40
CA ASP D 259 47.00 6.47 -7.56
C ASP D 259 45.97 7.57 -7.80
N TYR D 260 45.73 8.42 -6.80
CA TYR D 260 44.70 9.47 -6.90
C TYR D 260 45.19 10.83 -6.44
N GLY D 261 44.70 11.88 -7.10
CA GLY D 261 45.12 13.24 -6.78
C GLY D 261 44.04 14.27 -7.09
N ILE D 262 44.42 15.54 -7.03
CA ILE D 262 43.48 16.67 -7.15
C ILE D 262 42.81 16.72 -8.53
N THR D 263 43.42 16.08 -9.53
CA THR D 263 42.86 16.04 -10.89
C THR D 263 41.73 15.01 -11.01
N ASP D 264 41.63 14.13 -10.01
CA ASP D 264 40.57 13.13 -9.94
C ASP D 264 39.37 13.62 -9.11
N CYS D 265 39.36 14.91 -8.78
CA CYS D 265 38.26 15.53 -8.06
C CYS D 265 37.00 15.64 -8.91
N ASN D 266 36.52 14.48 -9.38
CA ASN D 266 35.35 14.42 -10.25
C ASN D 266 34.14 13.85 -9.51
N PRO D 267 33.21 14.75 -9.10
CA PRO D 267 32.06 14.38 -8.27
C PRO D 267 30.98 13.66 -9.09
N LEU D 268 30.90 13.98 -10.39
CA LEU D 268 29.91 13.41 -11.28
C LEU D 268 30.21 11.93 -11.51
N PRO D 269 29.22 11.17 -12.00
CA PRO D 269 29.39 9.72 -12.17
C PRO D 269 30.57 9.36 -13.07
N ALA D 270 31.14 8.19 -12.84
CA ALA D 270 32.36 7.75 -13.51
C ALA D 270 32.31 7.99 -15.02
N ASN D 271 33.39 8.57 -15.55
CA ASN D 271 33.49 8.94 -16.97
C ASN D 271 33.47 7.73 -17.90
N ASP D 272 33.86 6.58 -17.38
CA ASP D 272 33.87 5.34 -18.16
C ASP D 272 32.47 4.72 -18.30
N LEU D 273 31.45 5.43 -17.81
CA LEU D 273 30.06 4.96 -17.87
C LEU D 273 29.29 5.61 -19.02
N THR D 274 28.40 4.82 -19.63
CA THR D 274 27.55 5.30 -20.73
C THR D 274 26.62 6.41 -20.26
N PRO D 275 26.18 7.30 -21.18
CA PRO D 275 25.32 8.41 -20.78
C PRO D 275 24.10 7.95 -19.99
N GLU D 276 23.50 6.83 -20.40
CA GLU D 276 22.36 6.26 -19.68
C GLU D 276 22.74 5.83 -18.28
N GLN D 277 23.88 5.15 -18.16
CA GLN D 277 24.38 4.68 -16.86
C GLN D 277 24.71 5.82 -15.93
N LYS D 278 25.20 6.93 -16.49
CA LYS D 278 25.53 8.12 -15.72
C LYS D 278 24.29 8.84 -15.20
N VAL D 279 23.18 8.74 -15.93
CA VAL D 279 21.91 9.31 -15.49
C VAL D 279 21.30 8.41 -14.41
N ALA D 280 21.37 7.10 -14.63
CA ALA D 280 20.88 6.11 -13.67
C ALA D 280 21.65 6.20 -12.35
N ALA D 281 22.96 6.42 -12.46
CA ALA D 281 23.84 6.50 -11.30
C ALA D 281 23.56 7.74 -10.45
N ALA D 282 23.17 8.84 -11.10
CA ALA D 282 22.86 10.07 -10.39
C ALA D 282 21.55 9.94 -9.60
N ALA D 283 20.72 8.95 -9.98
CA ALA D 283 19.39 8.78 -9.39
C ALA D 283 19.31 7.49 -8.55
N LEU D 284 20.47 6.99 -8.13
CA LEU D 284 20.58 5.73 -7.39
C LEU D 284 19.68 5.68 -6.16
N LEU D 285 19.50 6.84 -5.54
CA LEU D 285 18.78 6.98 -4.28
C LEU D 285 17.25 6.87 -4.39
N ALA D 286 16.71 7.23 -5.56
CA ALA D 286 15.26 7.34 -5.74
C ALA D 286 14.53 6.02 -5.53
N PRO D 287 15.00 4.92 -6.17
CA PRO D 287 14.39 3.63 -5.87
C PRO D 287 14.57 3.24 -4.42
N ALA D 288 15.71 3.57 -3.85
CA ALA D 288 16.03 3.20 -2.47
C ALA D 288 15.06 3.85 -1.50
N ALA D 289 14.87 5.17 -1.64
CA ALA D 289 13.92 5.90 -0.84
C ALA D 289 12.54 5.26 -0.93
N ALA D 290 12.12 4.96 -2.17
CA ALA D 290 10.81 4.37 -2.42
C ALA D 290 10.65 3.02 -1.73
N ALA D 291 11.70 2.19 -1.77
CA ALA D 291 11.70 0.90 -1.09
C ALA D 291 11.53 1.02 0.43
N ILE D 292 12.12 2.05 1.02
CA ILE D 292 11.99 2.31 2.46
C ILE D 292 10.57 2.76 2.82
N VAL D 293 10.02 3.70 2.04
CA VAL D 293 8.67 4.19 2.26
C VAL D 293 7.67 3.04 2.22
N ALA D 294 7.87 2.14 1.26
CA ALA D 294 6.98 0.99 1.09
C ALA D 294 7.37 -0.20 1.98
N GLY D 295 8.58 -0.17 2.54
CA GLY D 295 9.11 -1.34 3.24
C GLY D 295 8.55 -1.53 4.64
N PRO D 296 9.05 -2.55 5.36
CA PRO D 296 8.62 -2.83 6.73
C PRO D 296 8.91 -1.69 7.69
N LYS D 297 8.20 -1.67 8.81
CA LYS D 297 8.34 -0.62 9.81
C LYS D 297 8.04 -1.19 11.17
N GLN D 298 8.88 -0.89 12.16
CA GLN D 298 8.61 -1.30 13.53
C GLN D 298 9.06 -0.28 14.55
N ASN D 299 8.71 -0.49 15.81
CA ASN D 299 8.93 0.45 16.89
C ASN D 299 10.09 0.09 17.80
N CYS D 300 10.91 -0.87 17.38
CA CYS D 300 12.03 -1.33 18.17
C CYS D 300 13.12 -1.92 17.29
N GLU D 301 14.35 -1.86 17.78
CA GLU D 301 15.49 -2.47 17.13
C GLU D 301 15.42 -3.97 17.35
N PRO D 302 15.67 -4.78 16.30
CA PRO D 302 15.60 -6.24 16.46
C PRO D 302 16.57 -6.78 17.51
N ASP D 303 16.15 -7.82 18.23
CA ASP D 303 17.02 -8.52 19.16
C ASP D 303 18.29 -8.97 18.46
N LEU D 304 19.41 -8.91 19.18
CA LEU D 304 20.67 -9.47 18.70
C LEU D 304 20.68 -10.97 18.93
N MET D 305 21.20 -11.69 17.94
CA MET D 305 21.30 -13.14 18.04
C MET D 305 22.34 -13.49 19.09
N PRO D 306 22.21 -14.68 19.71
CA PRO D 306 22.96 -15.02 20.92
C PRO D 306 24.47 -14.90 20.77
N TYR D 307 24.96 -14.92 19.54
CA TYR D 307 26.39 -14.83 19.28
C TYR D 307 26.91 -13.40 19.42
N ALA D 308 26.02 -12.42 19.30
CA ALA D 308 26.41 -11.00 19.37
C ALA D 308 25.79 -10.30 20.56
N ARG D 309 24.75 -10.90 21.13
CA ARG D 309 23.98 -10.30 22.25
C ARG D 309 24.83 -9.85 23.45
N PRO D 310 25.81 -10.66 23.88
CA PRO D 310 26.58 -10.24 25.08
C PRO D 310 27.46 -9.00 24.90
N PHE D 311 27.72 -8.60 23.66
CA PHE D 311 28.56 -7.44 23.40
C PHE D 311 27.81 -6.11 23.42
N ALA D 312 26.53 -6.15 23.75
CA ALA D 312 25.71 -4.94 23.85
C ALA D 312 24.81 -4.98 25.09
N VAL D 313 25.39 -5.41 26.21
CA VAL D 313 24.72 -5.39 27.51
C VAL D 313 24.34 -3.96 27.85
N GLY D 314 23.08 -3.76 28.24
CA GLY D 314 22.57 -2.43 28.60
C GLY D 314 21.59 -1.86 27.59
N LYS D 315 21.78 -2.19 26.32
CA LYS D 315 20.95 -1.65 25.25
C LYS D 315 19.57 -2.29 25.25
N ARG D 316 18.60 -1.56 24.72
CA ARG D 316 17.23 -2.05 24.61
C ARG D 316 16.95 -2.48 23.18
N THR D 317 16.43 -3.69 23.00
CA THR D 317 15.89 -4.11 21.71
C THR D 317 14.43 -4.54 21.90
N CYS D 318 13.87 -5.23 20.91
CA CYS D 318 12.46 -5.58 20.93
C CYS D 318 12.00 -6.39 22.13
N SER D 319 12.80 -7.37 22.54
CA SER D 319 12.45 -8.21 23.68
C SER D 319 12.71 -7.56 25.02
N GLY D 320 13.51 -6.49 25.03
CA GLY D 320 13.83 -5.79 26.27
C GLY D 320 15.31 -5.48 26.42
N ILE D 321 15.71 -5.14 27.63
CA ILE D 321 17.11 -4.79 27.93
C ILE D 321 17.96 -6.06 27.94
N VAL D 322 19.14 -5.98 27.33
CA VAL D 322 20.10 -7.08 27.30
C VAL D 322 20.80 -7.24 28.67
N THR D 323 20.87 -8.48 29.14
CA THR D 323 21.57 -8.79 30.39
C THR D 323 22.43 -10.04 30.24
N PRO D 324 23.29 -10.33 31.24
CA PRO D 324 24.06 -11.58 31.23
C PRO D 324 23.19 -12.81 31.46
#